data_2ZOQ
#
_entry.id   2ZOQ
#
_cell.length_a   62.382
_cell.length_b   91.540
_cell.length_c   64.930
_cell.angle_alpha   90.00
_cell.angle_beta   91.50
_cell.angle_gamma   90.00
#
_symmetry.space_group_name_H-M   'P 1 21 1'
#
loop_
_entity.id
_entity.type
_entity.pdbx_description
1 polymer 'Mitogen-activated protein kinase 3'
2 non-polymer 'SULFATE ION'
3 non-polymer 'SODIUM ION'
4 non-polymer (2R,3R,4S,5R)-2-(4-AMINO-5-IODO-7H-PYRROLO[2,3-D]PYRIMIDIN-7-YL)-5-(HYDROXYMETHYL)TETRAHYDROFURAN-3,4-DIOL
5 water water
#
_entity_poly.entity_id   1
_entity_poly.type   'polypeptide(L)'
_entity_poly.pdbx_seq_one_letter_code
;LGSMAAAAAQGGGGGEPRRTEGVGPGVPGEVEMVKGQPFDVGPRYTQLQYIGEGAYGMVSSAYDHVRKTRVAIKKISPFE
HQTYCQRTLREIQILLRFRHENVIGIRDILRASTLEAMRDVYIVQDLMETDLYKLLKSQQLSNDHICYFLYQILRGLKYI
HSANVLHRDLKPSNLLINTTCDLKICDFGLARIADPEHDHTGFLTE(PTR)VATRWYRAPEIMLNSKGYTKSIDIWSVGC
ILAEMLSNRPIFPGKHYLDQLNHILGILGSPSQEDLNCIINMKARNYLQSLPSKTKVAWAKLFPKSDSKALDLLDRMLTF
NPNKRITVEEALAHPYLEQYYDPTDEPVAEEPFTFAMELDDLPKERLKELIFQETARFQPGVLEAP
;
_entity_poly.pdbx_strand_id   A,B
#
# COMPACT_ATOMS: atom_id res chain seq x y z
N VAL A 27 -11.34 22.00 23.02
CA VAL A 27 -10.81 22.93 21.98
C VAL A 27 -11.29 22.50 20.59
N PRO A 28 -12.60 22.32 20.42
CA PRO A 28 -13.21 21.93 19.15
C PRO A 28 -13.23 23.06 18.13
N GLY A 29 -13.90 22.83 17.01
CA GLY A 29 -13.98 23.85 15.97
C GLY A 29 -14.11 23.26 14.59
N GLU A 30 -12.98 22.88 14.00
CA GLU A 30 -13.01 22.30 12.66
C GLU A 30 -13.57 23.33 11.69
N VAL A 31 -13.50 23.01 10.41
CA VAL A 31 -13.99 23.86 9.33
C VAL A 31 -13.31 25.22 9.33
N GLU A 32 -12.09 25.25 8.79
CA GLU A 32 -11.30 26.45 8.70
C GLU A 32 -11.44 27.21 7.39
N MET A 33 -11.83 26.51 6.34
CA MET A 33 -11.99 27.18 5.05
C MET A 33 -10.74 27.78 4.45
N VAL A 34 -10.41 27.31 3.25
CA VAL A 34 -9.26 27.76 2.49
C VAL A 34 -10.08 28.34 1.34
N LYS A 35 -9.90 29.63 1.05
CA LYS A 35 -10.65 30.29 -0.01
C LYS A 35 -12.00 30.49 0.68
N GLY A 36 -13.05 29.91 0.12
CA GLY A 36 -14.35 30.06 0.74
C GLY A 36 -15.01 28.70 0.88
N GLN A 37 -14.18 27.64 0.81
CA GLN A 37 -14.69 26.28 0.91
C GLN A 37 -14.23 25.60 2.19
N PRO A 38 -15.09 24.75 2.77
CA PRO A 38 -14.77 24.04 4.01
C PRO A 38 -13.66 23.00 3.83
N PHE A 39 -12.85 22.84 4.86
CA PHE A 39 -11.75 21.89 4.86
C PHE A 39 -11.88 21.13 6.17
N ASP A 40 -12.87 20.25 6.21
CA ASP A 40 -13.14 19.45 7.39
C ASP A 40 -12.14 18.32 7.56
N VAL A 41 -11.03 18.61 8.21
CA VAL A 41 -10.00 17.61 8.43
C VAL A 41 -9.56 17.55 9.90
N GLY A 42 -10.03 18.48 10.70
CA GLY A 42 -9.67 18.50 12.11
C GLY A 42 -10.33 17.34 12.81
N PRO A 43 -9.91 16.98 14.04
CA PRO A 43 -8.88 17.56 14.89
C PRO A 43 -7.43 17.29 14.49
N ARG A 44 -7.21 16.20 13.76
CA ARG A 44 -5.83 15.86 13.33
C ARG A 44 -5.07 17.05 12.76
N TYR A 45 -5.65 17.65 11.73
CA TYR A 45 -5.02 18.78 11.08
C TYR A 45 -5.79 20.08 11.27
N THR A 46 -5.04 21.16 11.48
CA THR A 46 -5.62 22.47 11.68
C THR A 46 -4.59 23.44 11.16
N GLN A 47 -4.91 24.73 11.16
CA GLN A 47 -4.00 25.75 10.67
C GLN A 47 -3.85 25.62 9.15
N LEU A 48 -4.96 25.40 8.45
CA LEU A 48 -4.91 25.25 7.00
C LEU A 48 -4.46 26.50 6.23
N GLN A 49 -3.71 26.29 5.16
CA GLN A 49 -3.21 27.38 4.34
C GLN A 49 -3.18 26.96 2.88
N TYR A 50 -3.94 27.68 2.06
CA TYR A 50 -4.03 27.39 0.63
C TYR A 50 -2.65 27.30 -0.02
N ILE A 51 -2.39 26.21 -0.74
CA ILE A 51 -1.11 26.06 -1.40
C ILE A 51 -1.30 26.42 -2.85
N GLY A 52 -2.42 26.00 -3.41
CA GLY A 52 -2.65 26.34 -4.80
C GLY A 52 -3.62 25.51 -5.60
N GLU A 53 -3.86 26.03 -6.81
CA GLU A 53 -4.72 25.47 -7.82
C GLU A 53 -5.03 23.98 -7.73
N GLY A 54 -5.35 23.44 -8.90
CA GLY A 54 -5.68 22.05 -9.07
C GLY A 54 -6.95 21.92 -9.90
N ALA A 55 -6.82 21.86 -11.23
CA ALA A 55 -7.99 21.70 -12.09
C ALA A 55 -8.72 20.53 -11.44
N TYR A 56 -7.90 19.73 -10.76
CA TYR A 56 -8.35 18.55 -10.04
C TYR A 56 -9.05 19.09 -8.79
N GLY A 57 -8.28 19.21 -7.72
CA GLY A 57 -8.82 19.71 -6.47
C GLY A 57 -8.03 20.83 -5.85
N MET A 58 -8.40 21.20 -4.63
CA MET A 58 -7.72 22.27 -3.93
C MET A 58 -6.70 21.69 -2.96
N VAL A 59 -5.50 22.25 -2.99
CA VAL A 59 -4.43 21.80 -2.12
C VAL A 59 -4.09 22.86 -1.08
N SER A 60 -4.02 22.43 0.16
CA SER A 60 -3.68 23.31 1.27
C SER A 60 -2.64 22.62 2.11
N SER A 61 -2.08 23.35 3.06
CA SER A 61 -1.06 22.79 3.93
C SER A 61 -1.71 22.88 5.31
N ALA A 62 -1.36 21.95 6.20
CA ALA A 62 -1.93 21.97 7.54
C ALA A 62 -1.03 21.27 8.54
N TYR A 63 -1.23 21.57 9.81
CA TYR A 63 -0.45 20.96 10.87
C TYR A 63 -1.01 19.62 11.31
N ASP A 64 -0.25 18.54 11.12
CA ASP A 64 -0.70 17.22 11.53
C ASP A 64 -0.39 17.06 13.01
N HIS A 65 -1.43 17.05 13.83
CA HIS A 65 -1.26 16.92 15.28
C HIS A 65 -0.72 15.60 15.84
N VAL A 66 -0.80 14.51 15.08
CA VAL A 66 -0.29 13.24 15.58
C VAL A 66 1.18 13.12 15.17
N ARG A 67 1.47 13.45 13.91
CA ARG A 67 2.85 13.38 13.44
C ARG A 67 3.51 14.70 13.76
N LYS A 68 2.78 15.56 14.45
CA LYS A 68 3.27 16.89 14.85
C LYS A 68 4.14 17.54 13.79
N THR A 69 3.68 17.53 12.55
CA THR A 69 4.43 18.14 11.45
C THR A 69 3.46 18.65 10.39
N ARG A 70 3.90 19.62 9.60
CA ARG A 70 3.03 20.16 8.56
C ARG A 70 3.02 19.32 7.30
N VAL A 71 1.82 19.07 6.80
CA VAL A 71 1.63 18.28 5.60
C VAL A 71 0.75 18.99 4.57
N ALA A 72 0.66 18.41 3.38
CA ALA A 72 -0.14 18.98 2.32
C ALA A 72 -1.40 18.12 2.26
N ILE A 73 -2.54 18.74 1.99
CA ILE A 73 -3.79 17.99 1.90
C ILE A 73 -4.69 18.54 0.81
N LYS A 74 -4.93 17.70 -0.19
CA LYS A 74 -5.75 18.02 -1.34
C LYS A 74 -7.21 17.61 -1.19
N LYS A 75 -8.11 18.58 -1.40
CA LYS A 75 -9.54 18.32 -1.29
C LYS A 75 -10.11 18.03 -2.68
N ILE A 76 -10.63 16.82 -2.84
CA ILE A 76 -11.20 16.44 -4.11
C ILE A 76 -12.71 16.37 -3.91
N SER A 77 -13.45 17.06 -4.76
CA SER A 77 -14.91 17.06 -4.64
C SER A 77 -15.55 16.66 -5.95
N PRO A 78 -15.53 15.35 -6.26
CA PRO A 78 -16.11 14.80 -7.49
C PRO A 78 -17.53 14.35 -7.16
N PHE A 79 -17.93 13.21 -7.70
CA PHE A 79 -19.25 12.66 -7.46
C PHE A 79 -20.38 13.31 -8.25
N GLU A 80 -20.23 14.58 -8.61
CA GLU A 80 -21.27 15.27 -9.38
C GLU A 80 -20.89 15.32 -10.86
N HIS A 81 -19.81 14.63 -11.20
CA HIS A 81 -19.31 14.55 -12.57
C HIS A 81 -18.60 13.21 -12.71
N GLN A 82 -19.12 12.35 -13.59
CA GLN A 82 -18.55 11.03 -13.81
C GLN A 82 -17.08 11.10 -14.24
N THR A 83 -16.73 12.11 -15.01
CA THR A 83 -15.35 12.28 -15.49
C THR A 83 -14.41 12.56 -14.32
N TYR A 84 -14.83 13.42 -13.40
CA TYR A 84 -14.00 13.74 -12.24
C TYR A 84 -13.84 12.47 -11.40
N CYS A 85 -14.93 11.70 -11.30
CA CYS A 85 -14.91 10.48 -10.52
C CYS A 85 -13.85 9.53 -11.06
N GLN A 86 -13.80 9.40 -12.38
CA GLN A 86 -12.83 8.53 -13.03
C GLN A 86 -11.43 8.99 -12.67
N ARG A 87 -11.13 10.25 -12.99
CA ARG A 87 -9.83 10.83 -12.71
C ARG A 87 -9.40 10.74 -11.26
N THR A 88 -10.34 10.90 -10.33
CA THR A 88 -10.03 10.82 -8.90
C THR A 88 -9.69 9.40 -8.51
N LEU A 89 -10.45 8.45 -9.04
CA LEU A 89 -10.23 7.04 -8.75
C LEU A 89 -8.89 6.58 -9.32
N ARG A 90 -8.56 7.02 -10.52
CA ARG A 90 -7.29 6.63 -11.13
C ARG A 90 -6.13 7.17 -10.29
N GLU A 91 -6.21 8.45 -9.95
CA GLU A 91 -5.16 9.09 -9.14
C GLU A 91 -4.95 8.28 -7.86
N ILE A 92 -6.03 8.10 -7.08
CA ILE A 92 -5.96 7.34 -5.84
C ILE A 92 -5.38 5.94 -5.96
N GLN A 93 -5.95 5.13 -6.86
CA GLN A 93 -5.52 3.76 -7.09
C GLN A 93 -4.04 3.64 -7.45
N ILE A 94 -3.56 4.57 -8.27
CA ILE A 94 -2.17 4.56 -8.69
C ILE A 94 -1.26 5.00 -7.55
N LEU A 95 -1.50 6.19 -7.03
CA LEU A 95 -0.69 6.69 -5.94
C LEU A 95 -0.66 5.77 -4.72
N LEU A 96 -1.73 4.99 -4.52
CA LEU A 96 -1.76 4.09 -3.39
C LEU A 96 -0.86 2.90 -3.65
N ARG A 97 -0.73 2.53 -4.92
CA ARG A 97 0.10 1.41 -5.31
C ARG A 97 1.55 1.75 -5.69
N PHE A 98 1.85 3.03 -5.87
CA PHE A 98 3.22 3.42 -6.23
C PHE A 98 4.02 3.70 -4.96
N ARG A 99 5.32 3.52 -5.06
CA ARG A 99 6.22 3.74 -3.94
C ARG A 99 7.55 4.03 -4.61
N HIS A 100 7.94 5.31 -4.63
CA HIS A 100 9.19 5.72 -5.26
C HIS A 100 9.55 7.12 -4.78
N GLU A 101 10.83 7.34 -4.51
CA GLU A 101 11.33 8.63 -4.02
C GLU A 101 10.94 9.83 -4.88
N ASN A 102 10.97 9.66 -6.19
CA ASN A 102 10.61 10.77 -7.06
C ASN A 102 9.15 10.79 -7.45
N VAL A 103 8.34 10.19 -6.59
CA VAL A 103 6.90 10.12 -6.81
C VAL A 103 6.22 10.34 -5.46
N ILE A 104 5.32 11.32 -5.42
CA ILE A 104 4.58 11.66 -4.21
C ILE A 104 3.61 10.58 -3.78
N GLY A 105 3.73 10.19 -2.51
CA GLY A 105 2.87 9.16 -1.97
C GLY A 105 1.71 9.74 -1.20
N ILE A 106 0.94 8.84 -0.58
CA ILE A 106 -0.21 9.25 0.20
C ILE A 106 -0.04 8.80 1.65
N ARG A 107 -0.02 9.76 2.56
CA ARG A 107 0.13 9.47 3.99
C ARG A 107 -1.17 8.96 4.59
N ASP A 108 -2.29 9.57 4.19
CA ASP A 108 -3.60 9.19 4.68
C ASP A 108 -4.70 9.73 3.77
N ILE A 109 -5.90 9.22 3.94
CA ILE A 109 -7.05 9.64 3.15
C ILE A 109 -8.25 9.81 4.07
N LEU A 110 -8.82 11.01 4.12
CA LEU A 110 -9.97 11.27 4.98
C LEU A 110 -11.24 11.37 4.14
N ARG A 111 -12.33 10.79 4.66
CA ARG A 111 -13.61 10.81 3.98
C ARG A 111 -14.70 10.37 4.97
N ALA A 112 -15.96 10.60 4.63
CA ALA A 112 -17.08 10.24 5.51
C ALA A 112 -17.13 8.74 5.77
N SER A 113 -17.53 8.36 6.97
CA SER A 113 -17.62 6.95 7.34
C SER A 113 -18.87 6.33 6.71
N THR A 114 -19.70 7.18 6.12
CA THR A 114 -20.94 6.76 5.48
C THR A 114 -20.94 7.13 3.99
N LEU A 115 -21.23 6.15 3.15
CA LEU A 115 -21.28 6.36 1.71
C LEU A 115 -22.14 7.55 1.38
N GLU A 116 -23.36 7.53 1.92
CA GLU A 116 -24.33 8.58 1.70
C GLU A 116 -23.83 9.97 2.05
N ALA A 117 -23.16 10.07 3.19
CA ALA A 117 -22.63 11.34 3.65
C ALA A 117 -21.30 11.77 3.04
N MET A 118 -20.60 10.87 2.36
CA MET A 118 -19.32 11.25 1.77
C MET A 118 -19.50 12.24 0.63
N ARG A 119 -18.98 13.44 0.83
CA ARG A 119 -19.07 14.50 -0.18
C ARG A 119 -17.74 14.72 -0.88
N ASP A 120 -16.64 14.54 -0.14
CA ASP A 120 -15.33 14.72 -0.74
C ASP A 120 -14.25 13.85 -0.14
N VAL A 121 -13.10 13.83 -0.78
CA VAL A 121 -11.99 13.03 -0.32
C VAL A 121 -10.80 13.92 -0.02
N TYR A 122 -10.14 13.63 1.10
CA TYR A 122 -8.98 14.41 1.52
C TYR A 122 -7.71 13.57 1.47
N ILE A 123 -6.83 13.90 0.53
CA ILE A 123 -5.58 13.17 0.40
C ILE A 123 -4.51 13.92 1.16
N VAL A 124 -3.95 13.27 2.18
CA VAL A 124 -2.90 13.88 2.97
C VAL A 124 -1.58 13.37 2.44
N GLN A 125 -0.73 14.31 2.02
CA GLN A 125 0.57 13.97 1.47
C GLN A 125 1.69 14.82 2.09
N ASP A 126 2.91 14.34 1.93
CA ASP A 126 4.05 15.07 2.47
C ASP A 126 4.09 16.45 1.85
N LEU A 127 4.38 17.43 2.69
CA LEU A 127 4.45 18.81 2.25
C LEU A 127 5.78 19.11 1.58
N MET A 128 5.70 19.70 0.40
CA MET A 128 6.87 20.08 -0.38
C MET A 128 6.92 21.60 -0.31
N GLU A 129 8.11 22.17 -0.36
CA GLU A 129 8.27 23.61 -0.30
C GLU A 129 7.72 24.34 -1.51
N THR A 130 8.13 23.93 -2.71
CA THR A 130 7.65 24.60 -3.90
C THR A 130 7.43 23.62 -5.05
N ASP A 131 7.21 24.18 -6.24
CA ASP A 131 7.00 23.41 -7.46
C ASP A 131 8.02 23.96 -8.45
N LEU A 132 8.22 23.27 -9.56
CA LEU A 132 9.18 23.73 -10.56
C LEU A 132 8.73 25.03 -11.24
N TYR A 133 7.42 25.23 -11.35
CA TYR A 133 6.91 26.43 -11.99
C TYR A 133 7.19 27.70 -11.18
N LYS A 134 7.00 27.62 -9.87
CA LYS A 134 7.24 28.77 -8.99
C LYS A 134 8.73 29.06 -8.97
N LEU A 135 9.53 28.00 -8.99
CA LEU A 135 10.97 28.13 -8.98
C LEU A 135 11.52 28.81 -10.24
N LEU A 136 11.00 28.39 -11.40
CA LEU A 136 11.44 28.96 -12.68
C LEU A 136 11.11 30.44 -12.79
N LYS A 137 10.04 30.86 -12.11
CA LYS A 137 9.61 32.25 -12.13
C LYS A 137 10.43 33.12 -11.19
N SER A 138 11.08 32.50 -10.23
CA SER A 138 11.89 33.21 -9.25
C SER A 138 13.41 33.26 -9.54
N GLN A 139 13.97 32.20 -10.10
CA GLN A 139 15.39 32.22 -10.38
C GLN A 139 15.89 31.48 -11.60
N GLN A 140 17.10 31.85 -12.03
CA GLN A 140 17.72 31.22 -13.18
C GLN A 140 18.46 30.02 -12.62
N LEU A 141 18.13 28.83 -13.11
CA LEU A 141 18.79 27.62 -12.63
C LEU A 141 20.16 27.48 -13.29
N SER A 142 21.09 26.86 -12.57
CA SER A 142 22.43 26.67 -13.09
C SER A 142 22.34 25.38 -13.89
N ASN A 143 23.36 25.08 -14.69
CA ASN A 143 23.33 23.85 -15.47
C ASN A 143 23.35 22.65 -14.54
N ASP A 144 23.81 22.86 -13.31
CA ASP A 144 23.88 21.81 -12.30
C ASP A 144 22.47 21.45 -11.80
N HIS A 145 21.69 22.49 -11.46
CA HIS A 145 20.33 22.28 -10.97
C HIS A 145 19.50 21.66 -12.08
N ILE A 146 19.60 22.25 -13.26
CA ILE A 146 18.86 21.76 -14.41
C ILE A 146 19.10 20.26 -14.61
N CYS A 147 20.37 19.87 -14.61
CA CYS A 147 20.76 18.48 -14.78
C CYS A 147 20.17 17.54 -13.71
N TYR A 148 20.31 17.91 -12.45
CA TYR A 148 19.79 17.10 -11.35
C TYR A 148 18.27 16.91 -11.39
N PHE A 149 17.53 17.99 -11.66
CA PHE A 149 16.08 17.88 -11.71
C PHE A 149 15.66 16.98 -12.89
N LEU A 150 16.36 17.08 -14.01
CA LEU A 150 16.02 16.26 -15.18
C LEU A 150 16.19 14.79 -14.78
N TYR A 151 17.32 14.49 -14.17
CA TYR A 151 17.60 13.13 -13.72
C TYR A 151 16.42 12.63 -12.89
N GLN A 152 16.15 13.31 -11.78
CA GLN A 152 15.05 12.92 -10.91
C GLN A 152 13.74 12.71 -11.62
N ILE A 153 13.37 13.66 -12.49
CA ILE A 153 12.12 13.55 -13.22
C ILE A 153 12.11 12.24 -14.01
N LEU A 154 13.25 11.96 -14.62
CA LEU A 154 13.40 10.75 -15.41
C LEU A 154 13.44 9.47 -14.56
N ARG A 155 14.00 9.58 -13.35
CA ARG A 155 14.09 8.44 -12.44
C ARG A 155 12.70 8.04 -11.97
N GLY A 156 11.82 9.03 -11.88
CA GLY A 156 10.45 8.77 -11.48
C GLY A 156 9.73 8.28 -12.70
N LEU A 157 9.94 8.97 -13.83
CA LEU A 157 9.31 8.58 -15.07
C LEU A 157 9.59 7.11 -15.36
N LYS A 158 10.83 6.69 -15.15
CA LYS A 158 11.16 5.29 -15.41
C LYS A 158 10.25 4.41 -14.56
N TYR A 159 10.25 4.66 -13.26
CA TYR A 159 9.41 3.88 -12.35
C TYR A 159 7.94 3.86 -12.77
N ILE A 160 7.41 5.00 -13.19
CA ILE A 160 6.00 5.06 -13.62
C ILE A 160 5.74 4.25 -14.89
N HIS A 161 6.56 4.46 -15.91
CA HIS A 161 6.41 3.75 -17.17
C HIS A 161 6.55 2.25 -16.98
N SER A 162 7.40 1.84 -16.05
CA SER A 162 7.61 0.43 -15.79
C SER A 162 6.28 -0.24 -15.51
N ALA A 163 5.37 0.48 -14.86
CA ALA A 163 4.05 -0.06 -14.55
C ALA A 163 3.12 0.20 -15.74
N ASN A 164 3.71 0.65 -16.85
CA ASN A 164 2.95 0.95 -18.06
C ASN A 164 1.93 2.08 -17.86
N VAL A 165 2.23 2.99 -16.96
CA VAL A 165 1.36 4.12 -16.67
C VAL A 165 1.88 5.35 -17.38
N LEU A 166 0.97 6.20 -17.81
CA LEU A 166 1.30 7.43 -18.50
C LEU A 166 0.77 8.57 -17.66
N HIS A 167 1.61 9.56 -17.35
CA HIS A 167 1.17 10.70 -16.56
C HIS A 167 0.30 11.55 -17.47
N ARG A 168 0.84 11.83 -18.66
CA ARG A 168 0.15 12.63 -19.68
C ARG A 168 -0.01 14.11 -19.39
N ASP A 169 0.39 14.57 -18.20
CA ASP A 169 0.25 15.98 -17.89
C ASP A 169 1.48 16.53 -17.15
N LEU A 170 2.65 16.12 -17.59
CA LEU A 170 3.88 16.57 -16.97
C LEU A 170 4.15 18.00 -17.37
N LYS A 171 4.43 18.84 -16.38
CA LYS A 171 4.71 20.24 -16.59
C LYS A 171 5.29 20.74 -15.27
N PRO A 172 5.91 21.93 -15.29
CA PRO A 172 6.54 22.55 -14.13
C PRO A 172 5.77 22.56 -12.81
N SER A 173 4.45 22.75 -12.84
CA SER A 173 3.68 22.77 -11.60
C SER A 173 3.48 21.38 -10.99
N ASN A 174 3.49 20.36 -11.84
CA ASN A 174 3.32 19.01 -11.34
C ASN A 174 4.64 18.39 -10.94
N LEU A 175 5.63 19.24 -10.71
CA LEU A 175 6.95 18.77 -10.31
C LEU A 175 7.33 19.45 -9.00
N LEU A 176 6.93 18.85 -7.89
CA LEU A 176 7.21 19.38 -6.56
C LEU A 176 8.68 19.25 -6.14
N ILE A 177 9.17 20.27 -5.44
CA ILE A 177 10.55 20.29 -4.97
C ILE A 177 10.66 20.89 -3.57
N ASN A 178 11.55 20.34 -2.75
CA ASN A 178 11.74 20.81 -1.39
C ASN A 178 13.04 21.61 -1.29
N THR A 179 13.28 22.20 -0.13
CA THR A 179 14.47 23.01 0.12
C THR A 179 15.80 22.28 -0.15
N THR A 180 15.78 20.95 -0.14
CA THR A 180 17.00 20.19 -0.40
C THR A 180 17.11 19.76 -1.86
N CYS A 181 16.34 20.40 -2.73
CA CYS A 181 16.34 20.10 -4.15
C CYS A 181 15.72 18.77 -4.55
N ASP A 182 15.02 18.14 -3.60
CA ASP A 182 14.35 16.85 -3.87
C ASP A 182 13.22 17.12 -4.84
N LEU A 183 12.94 16.16 -5.72
CA LEU A 183 11.87 16.33 -6.70
C LEU A 183 10.96 15.11 -6.80
N LYS A 184 9.65 15.35 -6.85
CA LYS A 184 8.69 14.24 -6.95
C LYS A 184 7.56 14.61 -7.89
N ILE A 185 7.21 13.71 -8.82
CA ILE A 185 6.14 13.99 -9.77
C ILE A 185 4.77 14.17 -9.13
N CYS A 186 3.99 15.06 -9.73
CA CYS A 186 2.64 15.42 -9.28
C CYS A 186 1.42 15.00 -10.10
N ASP A 187 0.26 15.29 -9.51
CA ASP A 187 -1.08 15.04 -10.04
C ASP A 187 -1.22 14.05 -11.21
N PHE A 188 -1.75 12.87 -10.91
CA PHE A 188 -1.95 11.82 -11.91
C PHE A 188 -3.40 11.77 -12.38
N GLY A 189 -4.12 12.88 -12.24
CA GLY A 189 -5.51 12.92 -12.63
C GLY A 189 -5.79 12.54 -14.07
N LEU A 190 -4.83 12.80 -14.96
CA LEU A 190 -4.99 12.47 -16.37
C LEU A 190 -4.22 11.20 -16.76
N ALA A 191 -3.70 10.51 -15.77
CA ALA A 191 -2.94 9.28 -16.01
C ALA A 191 -3.78 8.10 -16.51
N ARG A 192 -3.17 7.29 -17.36
CA ARG A 192 -3.84 6.12 -17.93
C ARG A 192 -2.79 5.09 -18.31
N ILE A 193 -3.23 3.91 -18.73
CA ILE A 193 -2.31 2.86 -19.12
C ILE A 193 -2.03 3.03 -20.61
N ALA A 194 -0.80 2.73 -21.02
CA ALA A 194 -0.41 2.86 -22.42
C ALA A 194 -1.48 2.31 -23.38
N ASP A 195 -1.13 1.29 -24.15
CA ASP A 195 -2.09 0.70 -25.09
C ASP A 195 -2.02 1.41 -26.43
N PRO A 196 -0.92 1.23 -27.16
CA PRO A 196 -0.74 1.87 -28.47
C PRO A 196 -1.73 1.37 -29.53
N GLU A 197 -2.59 0.44 -29.15
CA GLU A 197 -3.59 -0.11 -30.07
C GLU A 197 -4.72 0.85 -30.38
N HIS A 198 -5.12 1.65 -29.40
CA HIS A 198 -6.20 2.61 -29.58
C HIS A 198 -5.67 4.04 -29.52
N ASP A 199 -4.48 4.26 -30.09
CA ASP A 199 -3.88 5.60 -30.08
C ASP A 199 -4.28 6.55 -31.21
N HIS A 200 -4.62 6.02 -32.38
CA HIS A 200 -5.01 6.87 -33.50
C HIS A 200 -6.36 7.50 -33.23
N THR A 201 -6.49 8.80 -33.52
CA THR A 201 -7.76 9.47 -33.26
C THR A 201 -8.28 10.39 -34.35
N GLY A 202 -7.40 10.82 -35.26
CA GLY A 202 -7.89 11.73 -36.28
C GLY A 202 -7.42 13.15 -36.03
N PHE A 203 -7.52 13.97 -37.07
CA PHE A 203 -7.10 15.36 -37.00
C PHE A 203 -7.90 16.21 -36.03
N LEU A 204 -7.24 17.23 -35.48
CA LEU A 204 -7.83 18.16 -34.54
C LEU A 204 -8.84 17.60 -33.55
N THR A 205 -8.50 16.49 -32.89
CA THR A 205 -9.42 15.93 -31.91
C THR A 205 -8.74 16.44 -30.64
N GLU A 206 -9.46 17.26 -29.89
CA GLU A 206 -8.96 17.85 -28.66
C GLU A 206 -8.63 16.96 -27.47
N VAL A 208 -7.55 17.18 -22.82
CA VAL A 208 -7.53 17.91 -21.56
C VAL A 208 -6.16 18.43 -21.09
N ALA A 209 -5.12 17.63 -21.27
CA ALA A 209 -3.79 18.05 -20.84
C ALA A 209 -3.43 19.49 -21.22
N THR A 210 -2.53 20.08 -20.45
CA THR A 210 -2.07 21.46 -20.66
C THR A 210 -1.52 21.62 -22.07
N ARG A 211 -2.12 22.53 -22.83
CA ARG A 211 -1.72 22.81 -24.21
C ARG A 211 -0.25 23.04 -24.53
N TRP A 212 0.42 23.90 -23.79
CA TRP A 212 1.84 24.16 -24.05
C TRP A 212 2.74 22.95 -23.97
N TYR A 213 2.27 21.85 -23.39
CA TYR A 213 3.11 20.66 -23.30
C TYR A 213 2.62 19.49 -24.13
N ARG A 214 1.68 19.76 -25.04
CA ARG A 214 1.15 18.69 -25.88
C ARG A 214 2.08 18.32 -27.02
N ALA A 215 2.29 17.02 -27.21
CA ALA A 215 3.18 16.56 -28.28
C ALA A 215 2.43 16.90 -29.56
N PRO A 216 3.17 17.23 -30.63
CA PRO A 216 2.51 17.58 -31.90
C PRO A 216 1.52 16.53 -32.41
N GLU A 217 1.80 15.25 -32.22
CA GLU A 217 0.88 14.21 -32.70
C GLU A 217 -0.50 14.24 -32.03
N ILE A 218 -0.65 15.09 -31.02
CA ILE A 218 -1.91 15.22 -30.30
C ILE A 218 -2.92 15.99 -31.13
N MET A 219 -2.45 16.93 -31.94
CA MET A 219 -3.37 17.70 -32.76
C MET A 219 -3.49 17.05 -34.14
N LEU A 220 -2.64 16.07 -34.42
CA LEU A 220 -2.66 15.37 -35.70
C LEU A 220 -3.32 14.00 -35.80
N ASN A 221 -2.88 13.05 -35.00
CA ASN A 221 -3.45 11.70 -35.05
C ASN A 221 -3.22 10.88 -33.77
N SER A 222 -3.16 11.49 -32.60
CA SER A 222 -2.92 10.70 -31.40
C SER A 222 -3.73 11.04 -30.17
N LYS A 223 -4.05 10.01 -29.40
CA LYS A 223 -4.83 10.17 -28.17
C LYS A 223 -3.86 10.28 -27.02
N GLY A 224 -2.58 10.14 -27.33
CA GLY A 224 -1.57 10.22 -26.29
C GLY A 224 -1.65 9.04 -25.35
N TYR A 225 -1.62 7.83 -25.92
CA TYR A 225 -1.66 6.59 -25.14
C TYR A 225 -0.37 5.79 -25.26
N THR A 226 0.77 6.49 -25.25
CA THR A 226 2.05 5.81 -25.36
C THR A 226 3.09 6.65 -24.63
N LYS A 227 4.06 5.97 -24.04
CA LYS A 227 5.13 6.63 -23.31
C LYS A 227 5.76 7.82 -24.06
N SER A 228 5.67 7.85 -25.38
CA SER A 228 6.26 8.98 -26.13
C SER A 228 5.64 10.31 -25.72
N ILE A 229 4.36 10.28 -25.35
CA ILE A 229 3.68 11.51 -24.94
C ILE A 229 4.39 12.10 -23.71
N ASP A 230 4.82 11.25 -22.77
CA ASP A 230 5.49 11.77 -21.59
C ASP A 230 6.88 12.31 -21.89
N ILE A 231 7.57 11.71 -22.85
CA ILE A 231 8.91 12.15 -23.21
C ILE A 231 8.85 13.57 -23.78
N TRP A 232 7.86 13.88 -24.62
CA TRP A 232 7.76 15.21 -25.18
C TRP A 232 7.61 16.26 -24.08
N SER A 233 6.63 16.07 -23.19
CA SER A 233 6.41 17.00 -22.10
C SER A 233 7.74 17.30 -21.40
N VAL A 234 8.44 16.25 -20.97
CA VAL A 234 9.71 16.43 -20.30
C VAL A 234 10.65 17.20 -21.20
N GLY A 235 10.48 17.03 -22.51
CA GLY A 235 11.32 17.75 -23.46
C GLY A 235 11.06 19.23 -23.30
N CYS A 236 9.78 19.58 -23.13
CA CYS A 236 9.38 20.98 -22.97
C CYS A 236 9.88 21.52 -21.63
N ILE A 237 9.82 20.70 -20.60
CA ILE A 237 10.26 21.12 -19.29
C ILE A 237 11.75 21.40 -19.29
N LEU A 238 12.52 20.58 -20.00
CA LEU A 238 13.97 20.79 -20.05
C LEU A 238 14.26 22.14 -20.73
N ALA A 239 13.63 22.39 -21.86
CA ALA A 239 13.86 23.65 -22.56
C ALA A 239 13.46 24.79 -21.61
N GLU A 240 12.38 24.56 -20.85
CA GLU A 240 11.91 25.55 -19.92
C GLU A 240 12.92 25.87 -18.82
N MET A 241 13.53 24.84 -18.22
CA MET A 241 14.51 25.07 -17.15
C MET A 241 15.72 25.74 -17.76
N LEU A 242 15.87 25.58 -19.07
CA LEU A 242 17.01 26.17 -19.76
C LEU A 242 16.82 27.65 -20.11
N SER A 243 15.58 28.09 -20.18
CA SER A 243 15.29 29.47 -20.52
C SER A 243 14.32 30.23 -19.63
N ASN A 244 13.73 29.56 -18.65
CA ASN A 244 12.79 30.24 -17.76
C ASN A 244 11.58 30.74 -18.52
N ARG A 245 11.16 30.02 -19.56
CA ARG A 245 10.02 30.40 -20.37
C ARG A 245 9.56 29.19 -21.20
N PRO A 246 8.24 29.07 -21.48
CA PRO A 246 7.64 27.98 -22.28
C PRO A 246 8.22 27.97 -23.68
N ILE A 247 8.08 26.87 -24.42
CA ILE A 247 8.67 26.88 -25.73
C ILE A 247 8.21 27.31 -27.16
N PHE A 248 7.04 27.08 -27.82
CA PHE A 248 5.73 26.43 -27.63
C PHE A 248 4.58 26.92 -26.73
N PRO A 249 4.37 28.24 -26.56
CA PRO A 249 3.22 28.49 -25.69
C PRO A 249 1.95 28.11 -26.48
N GLY A 250 1.30 29.10 -27.08
CA GLY A 250 0.09 28.82 -27.87
C GLY A 250 -1.12 29.44 -27.21
N LYS A 251 -1.93 30.18 -27.97
CA LYS A 251 -3.09 30.81 -27.36
C LYS A 251 -4.05 29.82 -26.69
N HIS A 252 -4.77 28.91 -27.38
CA HIS A 252 -4.89 28.68 -28.83
C HIS A 252 -4.50 27.28 -29.30
N TYR A 253 -5.46 26.36 -29.31
CA TYR A 253 -5.21 24.99 -29.76
C TYR A 253 -4.78 25.20 -31.21
N LEU A 254 -4.10 24.24 -31.83
CA LEU A 254 -3.69 24.45 -33.21
C LEU A 254 -2.51 25.42 -33.28
N ASP A 255 -2.67 26.57 -32.62
CA ASP A 255 -1.59 27.55 -32.62
C ASP A 255 -0.44 26.77 -32.02
N GLN A 256 -0.77 25.96 -31.03
CA GLN A 256 0.18 25.12 -30.32
C GLN A 256 0.91 24.31 -31.37
N LEU A 257 0.16 23.74 -32.30
CA LEU A 257 0.73 22.93 -33.37
C LEU A 257 1.67 23.77 -34.22
N ASN A 258 1.31 25.03 -34.43
CA ASN A 258 2.16 25.91 -35.23
C ASN A 258 3.41 26.39 -34.49
N HIS A 259 3.33 26.53 -33.17
CA HIS A 259 4.49 26.98 -32.40
C HIS A 259 5.56 25.93 -32.47
N ILE A 260 5.13 24.67 -32.48
CA ILE A 260 6.05 23.55 -32.54
C ILE A 260 6.77 23.52 -33.87
N LEU A 261 6.01 23.53 -34.96
CA LEU A 261 6.59 23.51 -36.30
C LEU A 261 7.52 24.70 -36.48
N GLY A 262 7.24 25.77 -35.74
CA GLY A 262 8.09 26.96 -35.84
C GLY A 262 9.51 26.64 -35.43
N ILE A 263 9.68 25.73 -34.47
CA ILE A 263 11.02 25.39 -34.01
C ILE A 263 11.57 24.15 -34.70
N LEU A 264 10.73 23.12 -34.84
CA LEU A 264 11.10 21.86 -35.47
C LEU A 264 11.30 21.94 -36.97
N GLY A 265 10.69 22.95 -37.60
CA GLY A 265 10.81 23.08 -39.03
C GLY A 265 9.79 22.15 -39.63
N SER A 266 9.54 22.29 -40.93
CA SER A 266 8.58 21.45 -41.63
C SER A 266 8.97 19.98 -41.53
N PRO A 267 8.00 19.10 -41.25
CA PRO A 267 8.21 17.65 -41.12
C PRO A 267 8.86 17.02 -42.35
N SER A 268 9.64 15.96 -42.13
CA SER A 268 10.30 15.27 -43.22
C SER A 268 9.29 14.39 -43.94
N GLN A 269 9.52 14.15 -45.22
CA GLN A 269 8.63 13.32 -46.03
C GLN A 269 8.11 12.08 -45.31
N GLU A 270 8.91 11.02 -45.26
CA GLU A 270 8.50 9.80 -44.60
C GLU A 270 8.16 10.09 -43.15
N ASP A 271 8.70 11.20 -42.66
CA ASP A 271 8.45 11.61 -41.29
C ASP A 271 6.97 11.77 -41.06
N LEU A 272 6.26 12.30 -42.05
CA LEU A 272 4.83 12.47 -41.88
C LEU A 272 4.28 11.34 -41.01
N ASN A 273 3.89 10.19 -41.56
CA ASN A 273 3.83 9.85 -42.97
C ASN A 273 3.64 8.35 -43.21
N CYS A 274 3.29 7.54 -42.20
CA CYS A 274 3.13 7.90 -40.78
C CYS A 274 1.95 8.86 -40.54
N ILE A 275 1.54 9.58 -41.59
CA ILE A 275 0.43 10.52 -41.48
C ILE A 275 -0.45 10.29 -42.70
N ILE A 276 -1.46 9.43 -42.55
CA ILE A 276 -2.35 9.15 -43.66
C ILE A 276 -3.71 9.80 -43.42
N ASN A 277 -3.84 10.54 -42.33
CA ASN A 277 -5.09 11.23 -42.01
C ASN A 277 -5.28 12.33 -43.04
N MET A 278 -6.31 12.20 -43.86
CA MET A 278 -6.58 13.20 -44.88
C MET A 278 -6.30 14.62 -44.42
N LYS A 279 -7.15 15.12 -43.52
CA LYS A 279 -6.98 16.48 -43.00
C LYS A 279 -5.62 16.78 -42.40
N ALA A 280 -5.12 15.91 -41.53
CA ALA A 280 -3.83 16.15 -40.92
C ALA A 280 -2.76 16.33 -41.98
N ARG A 281 -2.69 15.37 -42.91
CA ARG A 281 -1.71 15.42 -43.97
C ARG A 281 -1.88 16.66 -44.86
N ASN A 282 -3.11 17.09 -45.09
CA ASN A 282 -3.34 18.27 -45.92
C ASN A 282 -3.02 19.57 -45.18
N TYR A 283 -3.34 19.62 -43.89
CA TYR A 283 -3.07 20.81 -43.11
C TYR A 283 -1.57 21.05 -43.21
N LEU A 284 -0.81 20.06 -42.75
CA LEU A 284 0.65 20.13 -42.77
C LEU A 284 1.13 20.54 -44.16
N GLN A 285 0.55 19.94 -45.19
CA GLN A 285 0.93 20.26 -46.57
C GLN A 285 0.72 21.73 -46.93
N SER A 286 -0.33 22.34 -46.39
CA SER A 286 -0.63 23.75 -46.67
C SER A 286 0.23 24.72 -45.88
N LEU A 287 1.05 24.21 -44.98
CA LEU A 287 1.89 25.09 -44.19
C LEU A 287 3.16 25.47 -44.92
N PRO A 288 3.48 26.76 -44.97
CA PRO A 288 4.67 27.27 -45.64
C PRO A 288 5.91 26.58 -45.07
N SER A 289 6.77 26.11 -45.96
CA SER A 289 7.99 25.43 -45.58
C SER A 289 8.74 26.21 -44.51
N LYS A 290 9.26 25.51 -43.51
CA LYS A 290 10.01 26.14 -42.43
C LYS A 290 11.18 25.24 -42.05
N THR A 291 12.37 25.82 -42.01
CA THR A 291 13.58 25.11 -41.66
C THR A 291 13.74 25.01 -40.15
N LYS A 292 14.33 23.92 -39.68
CA LYS A 292 14.53 23.74 -38.26
C LYS A 292 15.46 24.78 -37.67
N VAL A 293 15.17 25.21 -36.45
CA VAL A 293 15.98 26.20 -35.77
C VAL A 293 16.95 25.51 -34.82
N ALA A 294 18.25 25.59 -35.13
CA ALA A 294 19.27 24.96 -34.29
C ALA A 294 19.07 25.33 -32.83
N TRP A 295 19.05 24.32 -31.96
CA TRP A 295 18.88 24.54 -30.52
C TRP A 295 19.91 25.50 -29.98
N ALA A 296 21.18 25.23 -30.28
CA ALA A 296 22.28 26.07 -29.80
C ALA A 296 22.06 27.51 -30.27
N LYS A 297 21.01 27.71 -31.07
CA LYS A 297 20.69 29.03 -31.58
C LYS A 297 19.61 29.65 -30.72
N LEU A 298 18.58 28.86 -30.41
CA LEU A 298 17.48 29.35 -29.58
C LEU A 298 17.87 29.21 -28.10
N PHE A 299 19.05 28.68 -27.86
CA PHE A 299 19.55 28.48 -26.50
C PHE A 299 21.06 28.64 -26.44
N PRO A 300 21.56 29.85 -26.71
CA PRO A 300 22.99 30.14 -26.68
C PRO A 300 23.47 30.17 -25.23
N LYS A 301 24.56 29.46 -24.95
CA LYS A 301 25.11 29.41 -23.61
C LYS A 301 24.50 28.32 -22.73
N SER A 302 24.12 27.20 -23.36
CA SER A 302 23.53 26.06 -22.65
C SER A 302 24.40 24.84 -22.97
N ASP A 303 24.62 23.96 -21.99
CA ASP A 303 25.44 22.76 -22.18
C ASP A 303 25.05 22.00 -23.45
N SER A 304 26.04 21.61 -24.24
CA SER A 304 25.76 20.89 -25.47
C SER A 304 25.19 19.52 -25.17
N LYS A 305 25.68 18.89 -24.10
CA LYS A 305 25.19 17.58 -23.71
C LYS A 305 23.69 17.65 -23.46
N ALA A 306 23.25 18.69 -22.74
CA ALA A 306 21.84 18.88 -22.42
C ALA A 306 21.05 19.19 -23.69
N LEU A 307 21.65 19.98 -24.57
CA LEU A 307 20.98 20.34 -25.81
C LEU A 307 20.79 19.10 -26.70
N ASP A 308 21.73 18.16 -26.66
CA ASP A 308 21.61 16.97 -27.47
C ASP A 308 20.46 16.09 -26.95
N LEU A 309 20.31 16.02 -25.63
CA LEU A 309 19.25 15.21 -25.06
C LEU A 309 17.92 15.84 -25.46
N LEU A 310 17.80 17.14 -25.25
CA LEU A 310 16.57 17.86 -25.58
C LEU A 310 16.21 17.44 -27.00
N ASP A 311 17.10 17.71 -27.96
CA ASP A 311 16.86 17.35 -29.36
C ASP A 311 16.23 15.97 -29.54
N ARG A 312 16.71 14.99 -28.77
CA ARG A 312 16.19 13.63 -28.83
C ARG A 312 14.86 13.45 -28.10
N MET A 313 14.43 14.47 -27.38
CA MET A 313 13.17 14.40 -26.64
C MET A 313 12.10 15.11 -27.46
N LEU A 314 12.51 16.12 -28.21
CA LEU A 314 11.56 16.87 -29.02
C LEU A 314 11.55 16.53 -30.49
N THR A 315 11.36 15.26 -30.82
CA THR A 315 11.33 14.83 -32.20
C THR A 315 9.89 14.95 -32.66
N PHE A 316 9.71 15.33 -33.93
CA PHE A 316 8.36 15.46 -34.46
C PHE A 316 7.66 14.11 -34.47
N ASN A 317 8.43 13.06 -34.75
CA ASN A 317 7.88 11.72 -34.80
C ASN A 317 8.03 10.96 -33.49
N PRO A 318 6.90 10.51 -32.91
CA PRO A 318 6.84 9.76 -31.65
C PRO A 318 7.60 8.45 -31.71
N ASN A 319 7.75 7.89 -32.90
CA ASN A 319 8.46 6.63 -33.07
C ASN A 319 9.97 6.81 -32.96
N LYS A 320 10.44 8.03 -33.20
CA LYS A 320 11.87 8.34 -33.14
C LYS A 320 12.26 8.97 -31.82
N ARG A 321 11.25 9.29 -31.00
CA ARG A 321 11.50 9.89 -29.71
C ARG A 321 12.24 8.93 -28.79
N ILE A 322 13.21 9.48 -28.05
CA ILE A 322 14.04 8.74 -27.12
C ILE A 322 13.22 8.21 -25.95
N THR A 323 13.56 7.00 -25.50
CA THR A 323 12.84 6.38 -24.39
C THR A 323 13.34 6.94 -23.07
N VAL A 324 12.60 6.68 -22.00
CA VAL A 324 12.99 7.18 -20.69
C VAL A 324 14.31 6.56 -20.23
N GLU A 325 14.54 5.31 -20.62
CA GLU A 325 15.77 4.62 -20.25
C GLU A 325 17.02 5.09 -20.99
N GLU A 326 16.90 5.30 -22.30
CA GLU A 326 18.06 5.76 -23.04
C GLU A 326 18.40 7.20 -22.64
N ALA A 327 17.37 7.93 -22.19
CA ALA A 327 17.52 9.32 -21.76
C ALA A 327 18.38 9.39 -20.52
N LEU A 328 18.11 8.50 -19.56
CA LEU A 328 18.85 8.47 -18.31
C LEU A 328 20.28 8.04 -18.63
N ALA A 329 20.42 7.21 -19.66
CA ALA A 329 21.75 6.74 -20.07
C ALA A 329 22.46 7.79 -20.91
N HIS A 330 21.81 8.93 -21.15
CA HIS A 330 22.43 9.99 -21.95
C HIS A 330 23.53 10.67 -21.15
N PRO A 331 24.68 10.94 -21.79
CA PRO A 331 25.86 11.59 -21.24
C PRO A 331 25.65 12.81 -20.37
N TYR A 332 24.59 13.56 -20.61
CA TYR A 332 24.33 14.74 -19.80
C TYR A 332 23.96 14.37 -18.37
N LEU A 333 23.54 13.12 -18.16
CA LEU A 333 23.16 12.67 -16.84
C LEU A 333 24.17 11.69 -16.27
N GLU A 334 25.27 11.47 -17.01
CA GLU A 334 26.32 10.55 -16.58
C GLU A 334 26.80 10.67 -15.16
N GLN A 335 26.59 11.83 -14.54
CA GLN A 335 27.03 12.03 -13.16
C GLN A 335 26.04 11.41 -12.18
N TYR A 336 24.79 11.26 -12.60
CA TYR A 336 23.75 10.70 -11.76
C TYR A 336 23.34 9.29 -12.17
N TYR A 337 23.44 9.02 -13.46
CA TYR A 337 23.08 7.71 -13.98
C TYR A 337 23.65 6.59 -13.10
N ASP A 338 22.75 5.74 -12.62
CA ASP A 338 23.13 4.63 -11.76
C ASP A 338 21.99 3.63 -11.80
N PRO A 339 22.05 2.69 -12.75
CA PRO A 339 21.08 1.62 -12.99
C PRO A 339 20.64 0.77 -11.80
N THR A 340 21.48 0.64 -10.77
CA THR A 340 21.08 -0.16 -9.61
C THR A 340 20.50 0.70 -8.51
N ASP A 341 20.10 1.93 -8.85
CA ASP A 341 19.52 2.85 -7.89
C ASP A 341 18.50 3.74 -8.59
N GLU A 342 17.66 3.10 -9.39
CA GLU A 342 16.61 3.76 -10.13
C GLU A 342 15.58 2.65 -10.27
N PRO A 343 14.91 2.33 -9.15
CA PRO A 343 13.89 1.29 -9.08
C PRO A 343 12.83 1.30 -10.17
N VAL A 344 12.24 0.14 -10.42
CA VAL A 344 11.21 0.01 -11.44
C VAL A 344 9.97 -0.58 -10.79
N ALA A 345 8.84 -0.49 -11.47
CA ALA A 345 7.57 -1.02 -10.93
C ALA A 345 7.61 -2.54 -10.86
N GLU A 346 7.07 -3.08 -9.77
CA GLU A 346 7.04 -4.52 -9.57
C GLU A 346 6.06 -5.20 -10.53
N GLU A 347 4.97 -4.50 -10.86
CA GLU A 347 3.99 -5.07 -11.77
C GLU A 347 3.24 -4.04 -12.60
N PRO A 348 2.96 -4.36 -13.86
CA PRO A 348 2.24 -3.44 -14.75
C PRO A 348 0.80 -3.31 -14.27
N PHE A 349 0.12 -2.27 -14.74
CA PHE A 349 -1.26 -2.01 -14.37
C PHE A 349 -2.20 -2.01 -15.57
N THR A 350 -3.47 -2.20 -15.30
CA THR A 350 -4.50 -2.22 -16.32
C THR A 350 -5.83 -1.89 -15.65
N PHE A 351 -6.70 -1.20 -16.38
CA PHE A 351 -8.01 -0.80 -15.85
C PHE A 351 -9.13 -1.34 -16.73
N ALA A 352 -10.36 -0.94 -16.41
CA ALA A 352 -11.52 -1.38 -17.17
C ALA A 352 -11.37 -0.96 -18.63
N MET A 353 -12.02 -1.68 -19.55
CA MET A 353 -12.85 -2.84 -19.24
C MET A 353 -14.26 -2.50 -18.77
N GLU A 354 -14.70 -1.26 -19.01
CA GLU A 354 -16.05 -0.82 -18.63
C GLU A 354 -16.06 0.50 -17.86
N LEU A 355 -15.14 0.64 -16.91
CA LEU A 355 -15.05 1.85 -16.09
C LEU A 355 -15.22 3.19 -16.80
N ASP A 356 -14.74 3.30 -18.04
CA ASP A 356 -14.88 4.55 -18.78
C ASP A 356 -16.36 4.89 -18.95
N ASP A 357 -17.17 3.87 -19.23
CA ASP A 357 -18.60 4.07 -19.42
C ASP A 357 -19.33 3.42 -18.25
N LEU A 358 -19.34 4.13 -17.12
CA LEU A 358 -19.99 3.64 -15.92
C LEU A 358 -20.55 4.82 -15.11
N PRO A 359 -21.76 4.64 -14.54
CA PRO A 359 -22.44 5.64 -13.73
C PRO A 359 -21.57 6.12 -12.58
N LYS A 360 -21.34 7.42 -12.52
CA LYS A 360 -20.51 8.04 -11.49
C LYS A 360 -20.71 7.51 -10.07
N GLU A 361 -21.91 7.03 -9.76
CA GLU A 361 -22.16 6.53 -8.40
C GLU A 361 -21.42 5.23 -8.13
N ARG A 362 -21.26 4.39 -9.17
CA ARG A 362 -20.56 3.13 -9.01
C ARG A 362 -19.07 3.42 -8.85
N LEU A 363 -18.67 4.63 -9.25
CA LEU A 363 -17.28 5.06 -9.15
C LEU A 363 -17.06 5.59 -7.75
N LYS A 364 -18.13 6.05 -7.13
CA LYS A 364 -18.09 6.59 -5.78
C LYS A 364 -17.81 5.43 -4.82
N GLU A 365 -18.37 4.27 -5.14
CA GLU A 365 -18.18 3.09 -4.31
C GLU A 365 -16.74 2.60 -4.36
N LEU A 366 -16.17 2.59 -5.56
CA LEU A 366 -14.78 2.16 -5.74
C LEU A 366 -13.83 3.07 -4.97
N ILE A 367 -14.16 4.36 -4.95
CA ILE A 367 -13.36 5.36 -4.26
C ILE A 367 -13.56 5.22 -2.77
N PHE A 368 -14.77 4.83 -2.38
CA PHE A 368 -15.11 4.65 -0.97
C PHE A 368 -14.44 3.36 -0.50
N GLN A 369 -14.33 2.37 -1.38
CA GLN A 369 -13.69 1.10 -1.02
C GLN A 369 -12.17 1.28 -0.98
N GLU A 370 -11.60 1.88 -2.02
CA GLU A 370 -10.17 2.10 -2.12
C GLU A 370 -9.65 2.89 -0.92
N THR A 371 -10.50 3.72 -0.33
CA THR A 371 -10.10 4.52 0.83
C THR A 371 -10.44 3.82 2.14
N ALA A 372 -11.22 2.76 2.05
CA ALA A 372 -11.63 2.02 3.24
C ALA A 372 -10.50 1.79 4.25
N ARG A 373 -9.42 1.15 3.79
CA ARG A 373 -8.27 0.84 4.63
C ARG A 373 -7.73 1.97 5.50
N PHE A 374 -8.08 3.22 5.19
CA PHE A 374 -7.61 4.35 5.98
C PHE A 374 -8.64 4.77 7.02
N GLN A 375 -9.79 4.13 6.99
CA GLN A 375 -10.85 4.45 7.95
C GLN A 375 -10.42 4.07 9.36
N PRO A 376 -10.53 5.00 10.30
CA PRO A 376 -10.14 4.69 11.68
C PRO A 376 -11.04 3.58 12.18
N GLY A 377 -12.04 3.25 11.36
CA GLY A 377 -12.97 2.20 11.71
C GLY A 377 -13.14 1.15 10.63
N VAL A 378 -14.22 1.27 9.86
CA VAL A 378 -14.50 0.33 8.78
C VAL A 378 -13.65 0.63 7.55
N VAL B 27 20.96 -37.30 40.92
CA VAL B 27 19.87 -37.20 39.90
C VAL B 27 19.81 -35.78 39.31
N PRO B 28 19.52 -34.78 40.16
CA PRO B 28 19.44 -33.38 39.71
C PRO B 28 20.79 -32.81 39.28
N GLY B 29 20.76 -31.77 38.47
CA GLY B 29 21.99 -31.16 38.00
C GLY B 29 21.83 -29.73 37.54
N GLU B 30 21.37 -29.53 36.30
CA GLU B 30 21.17 -28.20 35.77
C GLU B 30 20.34 -28.15 34.49
N VAL B 31 20.96 -27.72 33.39
CA VAL B 31 20.28 -27.62 32.10
C VAL B 31 19.55 -28.88 31.67
N GLU B 32 18.31 -28.69 31.23
CA GLU B 32 17.48 -29.79 30.78
C GLU B 32 17.19 -29.69 29.30
N MET B 33 16.99 -30.85 28.67
CA MET B 33 16.71 -30.91 27.24
C MET B 33 15.23 -31.10 26.89
N VAL B 34 14.86 -30.55 25.75
CA VAL B 34 13.50 -30.62 25.25
C VAL B 34 13.68 -30.67 23.74
N LYS B 35 13.34 -31.79 23.13
CA LYS B 35 13.49 -31.94 21.68
C LYS B 35 14.98 -31.80 21.32
N GLY B 36 15.84 -32.30 22.20
CA GLY B 36 17.27 -32.21 21.95
C GLY B 36 17.81 -30.80 22.05
N GLN B 37 16.95 -29.85 22.42
CA GLN B 37 17.37 -28.46 22.57
C GLN B 37 17.58 -28.23 24.06
N PRO B 38 18.69 -27.55 24.42
CA PRO B 38 18.94 -27.29 25.84
C PRO B 38 18.15 -26.10 26.40
N PHE B 39 17.37 -26.35 27.45
CA PHE B 39 16.57 -25.29 28.07
C PHE B 39 17.23 -24.88 29.38
N ASP B 40 18.08 -23.87 29.33
CA ASP B 40 18.75 -23.39 30.53
C ASP B 40 17.98 -22.24 31.18
N VAL B 41 16.92 -22.59 31.87
CA VAL B 41 16.07 -21.61 32.55
C VAL B 41 16.12 -21.85 34.06
N GLY B 42 17.03 -22.71 34.48
CA GLY B 42 17.17 -22.99 35.90
C GLY B 42 17.90 -21.82 36.52
N PRO B 43 17.93 -21.73 37.86
CA PRO B 43 17.28 -22.71 38.73
C PRO B 43 15.84 -22.36 39.11
N ARG B 44 15.34 -21.23 38.65
CA ARG B 44 13.98 -20.85 38.99
C ARG B 44 12.92 -21.76 38.36
N TYR B 45 13.21 -22.25 37.16
CA TYR B 45 12.28 -23.13 36.45
C TYR B 45 12.90 -24.49 36.14
N THR B 46 12.24 -25.56 36.57
CA THR B 46 12.74 -26.90 36.33
C THR B 46 11.65 -27.84 35.85
N GLN B 47 11.99 -29.11 35.73
CA GLN B 47 11.06 -30.14 35.27
C GLN B 47 10.28 -29.67 34.05
N LEU B 48 11.00 -29.41 32.96
CA LEU B 48 10.35 -28.95 31.73
C LEU B 48 9.67 -30.07 30.95
N GLN B 49 8.61 -29.69 30.26
CA GLN B 49 7.82 -30.61 29.44
C GLN B 49 7.62 -29.93 28.09
N TYR B 50 7.52 -30.73 27.04
CA TYR B 50 7.31 -30.18 25.71
C TYR B 50 5.84 -29.90 25.46
N ILE B 51 5.55 -28.79 24.78
CA ILE B 51 4.15 -28.46 24.50
C ILE B 51 3.87 -28.37 23.02
N GLY B 52 4.82 -27.79 22.26
CA GLY B 52 4.62 -27.67 20.82
C GLY B 52 5.73 -26.92 20.14
N GLU B 53 5.72 -26.96 18.81
CA GLU B 53 6.75 -26.28 18.02
C GLU B 53 6.19 -25.19 17.14
N GLY B 54 6.99 -24.16 16.98
CA GLY B 54 6.65 -23.05 16.13
C GLY B 54 7.98 -22.68 15.50
N ALA B 55 7.95 -21.95 14.39
CA ALA B 55 9.17 -21.54 13.74
C ALA B 55 9.74 -20.37 14.52
N TYR B 56 8.96 -19.90 15.49
CA TYR B 56 9.39 -18.77 16.30
C TYR B 56 9.39 -19.09 17.77
N GLY B 57 10.04 -20.20 18.12
CA GLY B 57 10.13 -20.61 19.50
C GLY B 57 9.57 -21.97 19.83
N MET B 58 10.32 -22.73 20.61
CA MET B 58 9.86 -24.03 21.05
C MET B 58 9.40 -23.73 22.47
N VAL B 59 8.19 -24.18 22.82
CA VAL B 59 7.69 -23.93 24.16
C VAL B 59 7.50 -25.20 24.98
N SER B 60 7.86 -25.10 26.25
CA SER B 60 7.74 -26.21 27.19
C SER B 60 7.02 -25.70 28.40
N SER B 61 6.62 -26.61 29.27
CA SER B 61 5.93 -26.23 30.49
C SER B 61 7.08 -26.36 31.48
N ALA B 62 6.97 -25.73 32.64
CA ALA B 62 8.02 -25.79 33.65
C ALA B 62 7.49 -25.35 35.00
N TYR B 63 8.08 -25.89 36.07
CA TYR B 63 7.66 -25.55 37.42
C TYR B 63 8.44 -24.32 37.85
N ASP B 64 7.72 -23.28 38.28
CA ASP B 64 8.34 -22.03 38.73
C ASP B 64 8.49 -22.18 40.25
N HIS B 65 9.69 -21.96 40.77
CA HIS B 65 9.89 -22.10 42.21
C HIS B 65 9.57 -20.95 43.14
N VAL B 66 9.40 -19.73 42.63
CA VAL B 66 9.07 -18.64 43.53
C VAL B 66 7.56 -18.52 43.62
N ARG B 67 6.87 -18.91 42.55
CA ARG B 67 5.41 -18.84 42.51
C ARG B 67 4.79 -20.21 42.80
N LYS B 68 5.63 -21.20 43.03
CA LYS B 68 5.13 -22.55 43.31
C LYS B 68 4.02 -22.93 42.33
N THR B 69 4.28 -22.79 41.03
CA THR B 69 3.26 -23.12 40.04
C THR B 69 3.87 -23.49 38.68
N ARG B 70 3.09 -24.11 37.81
CA ARG B 70 3.60 -24.49 36.51
C ARG B 70 3.30 -23.39 35.49
N VAL B 71 4.29 -23.06 34.66
CA VAL B 71 4.14 -22.03 33.65
C VAL B 71 4.55 -22.53 32.28
N ALA B 72 4.48 -21.63 31.30
CA ALA B 72 4.85 -21.97 29.94
C ALA B 72 6.04 -21.10 29.60
N ILE B 73 6.98 -21.64 28.85
CA ILE B 73 8.16 -20.90 28.46
C ILE B 73 8.53 -21.20 27.02
N LYS B 74 8.72 -20.15 26.24
CA LYS B 74 9.08 -20.29 24.83
C LYS B 74 10.50 -19.81 24.64
N LYS B 75 11.34 -20.66 24.06
CA LYS B 75 12.74 -20.32 23.80
C LYS B 75 12.93 -19.88 22.36
N ILE B 76 13.38 -18.64 22.15
CA ILE B 76 13.60 -18.15 20.79
C ILE B 76 15.11 -18.01 20.55
N SER B 77 15.55 -18.25 19.32
CA SER B 77 16.97 -18.14 18.95
C SER B 77 17.01 -17.64 17.50
N PRO B 78 16.75 -16.33 17.30
CA PRO B 78 16.71 -15.57 16.04
C PRO B 78 17.98 -14.88 15.53
N PHE B 79 18.90 -14.62 16.44
CA PHE B 79 20.16 -13.95 16.15
C PHE B 79 21.00 -14.36 14.94
N GLU B 80 20.56 -15.38 14.20
CA GLU B 80 21.31 -15.81 13.03
C GLU B 80 20.62 -15.40 11.72
N HIS B 81 19.50 -14.72 11.85
CA HIS B 81 18.72 -14.26 10.71
C HIS B 81 18.11 -12.91 11.05
N GLN B 82 18.33 -11.93 10.17
CA GLN B 82 17.82 -10.59 10.38
C GLN B 82 16.30 -10.51 10.53
N THR B 83 15.57 -11.28 9.72
CA THR B 83 14.10 -11.29 9.78
C THR B 83 13.61 -11.86 11.11
N TYR B 84 14.22 -12.96 11.54
CA TYR B 84 13.83 -13.58 12.78
C TYR B 84 14.06 -12.63 13.95
N CYS B 85 15.20 -11.95 13.97
CA CYS B 85 15.50 -11.01 15.05
C CYS B 85 14.42 -9.93 15.05
N GLN B 86 14.03 -9.49 13.85
CA GLN B 86 13.01 -8.47 13.70
C GLN B 86 11.69 -8.98 14.28
N ARG B 87 11.35 -10.20 13.90
CA ARG B 87 10.12 -10.82 14.36
C ARG B 87 10.12 -11.02 15.87
N THR B 88 11.27 -11.40 16.43
CA THR B 88 11.36 -11.62 17.87
C THR B 88 11.13 -10.32 18.63
N LEU B 89 11.84 -9.28 18.21
CA LEU B 89 11.71 -7.98 18.85
C LEU B 89 10.29 -7.50 18.74
N ARG B 90 9.80 -7.45 17.50
CA ARG B 90 8.45 -6.99 17.28
C ARG B 90 7.50 -7.64 18.29
N GLU B 91 7.60 -8.97 18.48
CA GLU B 91 6.73 -9.66 19.43
C GLU B 91 6.99 -9.35 20.90
N ILE B 92 8.23 -9.04 21.24
CA ILE B 92 8.58 -8.72 22.61
C ILE B 92 8.02 -7.34 22.94
N GLN B 93 8.27 -6.39 22.04
CA GLN B 93 7.80 -5.03 22.22
C GLN B 93 6.28 -4.92 22.25
N ILE B 94 5.60 -5.69 21.40
CA ILE B 94 4.14 -5.68 21.36
C ILE B 94 3.57 -6.27 22.64
N LEU B 95 3.96 -7.51 22.97
CA LEU B 95 3.45 -8.14 24.17
C LEU B 95 3.74 -7.47 25.51
N LEU B 96 4.95 -6.97 25.70
CA LEU B 96 5.27 -6.33 26.98
C LEU B 96 4.42 -5.08 27.14
N ARG B 97 3.85 -4.59 26.03
CA ARG B 97 3.02 -3.40 26.05
C ARG B 97 1.53 -3.70 25.91
N PHE B 98 1.15 -4.95 26.10
CA PHE B 98 -0.25 -5.35 25.99
C PHE B 98 -0.67 -5.98 27.31
N ARG B 99 -1.97 -5.87 27.62
CA ARG B 99 -2.51 -6.44 28.84
C ARG B 99 -4.00 -6.57 28.59
N HIS B 100 -4.40 -7.79 28.24
CA HIS B 100 -5.80 -8.08 27.96
C HIS B 100 -6.10 -9.54 28.31
N GLU B 101 -7.31 -9.77 28.82
CA GLU B 101 -7.75 -11.11 29.21
C GLU B 101 -7.67 -12.12 28.09
N ASN B 102 -7.87 -11.70 26.85
CA ASN B 102 -7.82 -12.62 25.71
C ASN B 102 -6.48 -12.64 24.96
N VAL B 103 -5.42 -12.19 25.62
CA VAL B 103 -4.09 -12.18 25.00
C VAL B 103 -3.08 -12.67 26.02
N ILE B 104 -2.20 -13.59 25.63
CA ILE B 104 -1.21 -14.08 26.60
C ILE B 104 -0.29 -12.92 26.92
N GLY B 105 0.04 -12.79 28.20
CA GLY B 105 0.94 -11.72 28.60
C GLY B 105 2.30 -12.31 28.84
N ILE B 106 3.28 -11.47 29.15
CA ILE B 106 4.62 -11.95 29.44
C ILE B 106 4.89 -11.66 30.89
N ARG B 107 5.11 -12.72 31.67
CA ARG B 107 5.38 -12.60 33.09
C ARG B 107 6.84 -12.37 33.36
N ASP B 108 7.69 -12.97 32.54
CA ASP B 108 9.13 -12.83 32.72
C ASP B 108 9.92 -13.18 31.48
N ILE B 109 11.20 -12.81 31.49
CA ILE B 109 12.09 -13.08 30.38
C ILE B 109 13.50 -13.32 30.88
N LEU B 110 14.11 -14.40 30.41
CA LEU B 110 15.47 -14.75 30.80
C LEU B 110 16.34 -14.67 29.57
N ARG B 111 17.64 -14.42 29.78
CA ARG B 111 18.62 -14.33 28.71
C ARG B 111 19.94 -13.88 29.32
N ALA B 112 21.05 -14.25 28.68
CA ALA B 112 22.39 -13.91 29.14
C ALA B 112 22.57 -12.49 29.72
N SER B 113 23.49 -12.36 30.68
CA SER B 113 23.77 -11.08 31.31
C SER B 113 24.52 -10.08 30.45
N THR B 114 25.15 -10.56 29.38
CA THR B 114 25.90 -9.70 28.46
C THR B 114 25.46 -9.93 27.03
N LEU B 115 25.61 -8.91 26.20
CA LEU B 115 25.23 -8.99 24.80
C LEU B 115 25.92 -10.12 24.04
N GLU B 116 27.21 -10.30 24.29
CA GLU B 116 27.96 -11.36 23.60
C GLU B 116 27.47 -12.76 23.93
N ALA B 117 27.23 -13.01 25.21
CA ALA B 117 26.77 -14.32 25.65
C ALA B 117 25.34 -14.69 25.31
N MET B 118 24.50 -13.71 24.98
CA MET B 118 23.08 -13.98 24.65
C MET B 118 22.83 -14.64 23.28
N ARG B 119 22.38 -15.90 23.31
CA ARG B 119 22.09 -16.63 22.09
C ARG B 119 20.62 -17.06 22.02
N ASP B 120 19.91 -16.93 23.12
CA ASP B 120 18.50 -17.31 23.16
C ASP B 120 17.70 -16.40 24.10
N VAL B 121 16.38 -16.46 23.96
CA VAL B 121 15.47 -15.67 24.77
C VAL B 121 14.29 -16.53 25.24
N TYR B 122 14.10 -16.59 26.56
CA TYR B 122 13.02 -17.36 27.16
C TYR B 122 11.92 -16.45 27.64
N ILE B 123 10.72 -16.63 27.07
CA ILE B 123 9.55 -15.83 27.43
C ILE B 123 8.65 -16.69 28.32
N VAL B 124 8.50 -16.29 29.58
CA VAL B 124 7.65 -17.04 30.50
C VAL B 124 6.23 -16.51 30.41
N GLN B 125 5.28 -17.42 30.30
CA GLN B 125 3.88 -17.03 30.21
C GLN B 125 2.95 -17.99 30.94
N ASP B 126 1.73 -17.53 31.18
CA ASP B 126 0.79 -18.38 31.88
C ASP B 126 0.63 -19.65 31.09
N LEU B 127 0.60 -20.77 31.80
CA LEU B 127 0.47 -22.05 31.15
C LEU B 127 -1.00 -22.30 30.86
N MET B 128 -1.31 -22.51 29.58
CA MET B 128 -2.68 -22.78 29.14
C MET B 128 -2.78 -24.27 28.89
N GLU B 129 -3.95 -24.81 29.20
CA GLU B 129 -4.23 -26.22 29.03
C GLU B 129 -4.20 -26.76 27.61
N THR B 130 -4.74 -26.01 26.66
CA THR B 130 -4.73 -26.49 25.27
C THR B 130 -4.91 -25.33 24.30
N ASP B 131 -5.20 -25.65 23.04
CA ASP B 131 -5.41 -24.64 22.02
C ASP B 131 -6.51 -25.17 21.11
N LEU B 132 -7.22 -24.28 20.44
CA LEU B 132 -8.31 -24.68 19.55
C LEU B 132 -7.97 -25.84 18.62
N TYR B 133 -6.75 -25.88 18.11
CA TYR B 133 -6.40 -26.97 17.21
C TYR B 133 -6.48 -28.34 17.88
N LYS B 134 -6.05 -28.46 19.14
CA LYS B 134 -6.09 -29.73 19.88
C LYS B 134 -7.51 -30.08 20.23
N LEU B 135 -8.28 -29.05 20.55
CA LEU B 135 -9.67 -29.19 20.91
C LEU B 135 -10.50 -29.70 19.74
N LEU B 136 -10.28 -29.12 18.56
CA LEU B 136 -11.01 -29.53 17.37
C LEU B 136 -10.68 -30.94 16.91
N LYS B 137 -9.52 -31.44 17.33
CA LYS B 137 -9.09 -32.78 16.96
C LYS B 137 -9.68 -33.79 17.95
N SER B 138 -9.93 -33.32 19.17
CA SER B 138 -10.50 -34.15 20.22
C SER B 138 -12.02 -34.20 20.30
N GLN B 139 -12.69 -33.09 20.05
CA GLN B 139 -14.14 -33.10 20.13
C GLN B 139 -14.88 -32.12 19.23
N GLN B 140 -16.19 -32.31 19.21
CA GLN B 140 -17.06 -31.47 18.43
C GLN B 140 -17.47 -30.37 19.39
N LEU B 141 -17.50 -29.13 18.92
CA LEU B 141 -17.89 -28.03 19.79
C LEU B 141 -19.38 -27.79 19.69
N SER B 142 -19.96 -27.33 20.78
CA SER B 142 -21.39 -27.05 20.82
C SER B 142 -21.48 -25.67 20.22
N ASN B 143 -22.66 -25.27 19.78
CA ASN B 143 -22.78 -23.95 19.21
C ASN B 143 -22.49 -22.89 20.27
N ASP B 144 -22.95 -23.13 21.50
CA ASP B 144 -22.71 -22.17 22.57
C ASP B 144 -21.20 -21.98 22.75
N HIS B 145 -20.46 -23.09 22.75
CA HIS B 145 -19.02 -23.04 22.91
C HIS B 145 -18.45 -22.29 21.72
N ILE B 146 -18.87 -22.67 20.51
CA ILE B 146 -18.39 -22.01 19.30
C ILE B 146 -18.61 -20.51 19.36
N CYS B 147 -19.81 -20.12 19.74
CA CYS B 147 -20.18 -18.71 19.85
C CYS B 147 -19.33 -18.01 20.90
N TYR B 148 -19.09 -18.67 22.03
CA TYR B 148 -18.29 -18.10 23.10
C TYR B 148 -16.80 -17.95 22.75
N PHE B 149 -16.22 -18.93 22.06
CA PHE B 149 -14.81 -18.84 21.70
C PHE B 149 -14.65 -17.75 20.65
N LEU B 150 -15.59 -17.69 19.71
CA LEU B 150 -15.55 -16.69 18.67
C LEU B 150 -15.61 -15.31 19.35
N TYR B 151 -16.49 -15.18 20.34
CA TYR B 151 -16.62 -13.92 21.04
C TYR B 151 -15.27 -13.43 21.59
N GLN B 152 -14.59 -14.28 22.35
CA GLN B 152 -13.29 -13.94 22.94
C GLN B 152 -12.22 -13.60 21.93
N ILE B 153 -12.20 -14.31 20.80
CA ILE B 153 -11.22 -14.06 19.77
C ILE B 153 -11.37 -12.62 19.30
N LEU B 154 -12.59 -12.26 18.89
CA LEU B 154 -12.87 -10.91 18.42
C LEU B 154 -12.64 -9.86 19.49
N ARG B 155 -12.89 -10.21 20.74
CA ARG B 155 -12.71 -9.28 21.86
C ARG B 155 -11.20 -9.08 21.98
N GLY B 156 -10.46 -10.07 21.51
CA GLY B 156 -9.00 -9.98 21.56
C GLY B 156 -8.56 -9.14 20.39
N LEU B 157 -9.06 -9.47 19.20
CA LEU B 157 -8.73 -8.75 17.98
C LEU B 157 -9.06 -7.26 18.09
N LYS B 158 -10.17 -6.96 18.77
CA LYS B 158 -10.57 -5.58 18.94
C LYS B 158 -9.46 -4.84 19.66
N TYR B 159 -9.05 -5.34 20.83
CA TYR B 159 -8.00 -4.72 21.61
C TYR B 159 -6.73 -4.55 20.75
N ILE B 160 -6.27 -5.64 20.17
CA ILE B 160 -5.08 -5.61 19.33
C ILE B 160 -5.24 -4.61 18.20
N HIS B 161 -6.37 -4.66 17.51
CA HIS B 161 -6.63 -3.74 16.40
C HIS B 161 -6.71 -2.28 16.85
N SER B 162 -7.13 -2.06 18.10
CA SER B 162 -7.25 -0.69 18.62
C SER B 162 -5.91 -0.01 18.80
N ALA B 163 -4.84 -0.80 18.81
CA ALA B 163 -3.50 -0.25 18.97
C ALA B 163 -2.85 -0.19 17.59
N ASN B 164 -3.63 -0.57 16.59
CA ASN B 164 -3.17 -0.57 15.21
C ASN B 164 -2.12 -1.66 15.00
N VAL B 165 -2.36 -2.81 15.63
CA VAL B 165 -1.47 -3.96 15.55
C VAL B 165 -2.17 -5.12 14.84
N LEU B 166 -1.46 -5.79 13.95
CA LEU B 166 -2.01 -6.91 13.22
C LEU B 166 -1.33 -8.21 13.67
N HIS B 167 -2.10 -9.22 14.08
CA HIS B 167 -1.50 -10.48 14.52
C HIS B 167 -0.89 -11.08 13.25
N ARG B 168 -1.71 -11.23 12.22
CA ARG B 168 -1.24 -11.77 10.94
C ARG B 168 -1.01 -13.27 10.82
N ASP B 169 -1.29 -14.04 11.87
CA ASP B 169 -1.08 -15.47 11.76
C ASP B 169 -2.06 -16.19 12.67
N LEU B 170 -3.30 -15.73 12.65
CA LEU B 170 -4.34 -16.31 13.47
C LEU B 170 -4.70 -17.70 12.97
N LYS B 171 -4.92 -18.63 13.90
CA LYS B 171 -5.26 -20.00 13.57
C LYS B 171 -5.54 -20.72 14.88
N PRO B 172 -6.14 -21.92 14.81
CA PRO B 172 -6.45 -22.70 16.01
C PRO B 172 -5.28 -22.95 16.95
N SER B 173 -4.11 -23.26 16.41
CA SER B 173 -2.92 -23.52 17.23
C SER B 173 -2.45 -22.26 17.97
N ASN B 174 -2.91 -21.10 17.50
CA ASN B 174 -2.54 -19.83 18.11
C ASN B 174 -3.68 -19.32 18.98
N LEU B 175 -4.51 -20.23 19.46
CA LEU B 175 -5.63 -19.88 20.32
C LEU B 175 -5.62 -20.79 21.55
N LEU B 176 -5.08 -20.26 22.65
CA LEU B 176 -4.98 -21.00 23.90
C LEU B 176 -6.29 -21.04 24.68
N ILE B 177 -6.59 -22.21 25.25
CA ILE B 177 -7.81 -22.41 26.04
C ILE B 177 -7.47 -23.13 27.36
N ASN B 178 -8.10 -22.70 28.44
CA ASN B 178 -7.85 -23.32 29.75
C ASN B 178 -9.03 -24.21 30.13
N THR B 179 -8.98 -24.79 31.32
CA THR B 179 -10.07 -25.66 31.76
C THR B 179 -11.40 -24.90 31.86
N THR B 180 -11.32 -23.59 32.09
CA THR B 180 -12.53 -22.79 32.20
C THR B 180 -12.99 -22.19 30.87
N CYS B 181 -12.50 -22.73 29.77
CA CYS B 181 -12.90 -22.24 28.45
C CYS B 181 -12.32 -20.88 28.09
N ASP B 182 -11.56 -20.28 28.99
CA ASP B 182 -10.97 -18.99 28.69
C ASP B 182 -10.17 -19.17 27.41
N LEU B 183 -10.07 -18.11 26.61
CA LEU B 183 -9.32 -18.18 25.35
C LEU B 183 -8.34 -17.01 25.25
N LYS B 184 -7.11 -17.30 24.82
CA LYS B 184 -6.06 -16.28 24.69
C LYS B 184 -5.27 -16.40 23.37
N ILE B 185 -5.07 -15.28 22.69
CA ILE B 185 -4.33 -15.30 21.45
C ILE B 185 -2.83 -15.24 21.72
N CYS B 186 -2.07 -16.16 21.12
CA CYS B 186 -0.63 -16.15 21.32
C CYS B 186 0.08 -16.14 19.98
N ASP B 187 1.40 -16.36 20.01
CA ASP B 187 2.21 -16.38 18.79
C ASP B 187 2.14 -15.10 17.98
N PHE B 188 2.75 -14.04 18.51
CA PHE B 188 2.76 -12.75 17.83
C PHE B 188 4.05 -12.56 17.03
N GLY B 189 4.58 -13.67 16.52
CA GLY B 189 5.81 -13.63 15.75
C GLY B 189 5.72 -12.93 14.40
N LEU B 190 4.53 -12.87 13.81
CA LEU B 190 4.36 -12.20 12.51
C LEU B 190 3.56 -10.90 12.59
N ALA B 191 3.24 -10.47 13.80
CA ALA B 191 2.48 -9.24 14.00
C ALA B 191 3.29 -8.00 13.59
N ARG B 192 2.59 -6.99 13.09
CA ARG B 192 3.23 -5.75 12.65
C ARG B 192 2.23 -4.62 12.88
N ILE B 193 2.69 -3.39 12.67
CA ILE B 193 1.82 -2.24 12.83
C ILE B 193 1.07 -2.19 11.50
N ALA B 194 -0.18 -1.72 11.53
CA ALA B 194 -0.98 -1.63 10.32
C ALA B 194 -0.25 -1.06 9.10
N ASP B 195 -0.27 0.25 8.95
CA ASP B 195 0.39 0.89 7.81
C ASP B 195 -0.25 0.60 6.45
N PRO B 196 -1.47 1.12 6.23
CA PRO B 196 -2.22 0.95 4.97
C PRO B 196 -1.49 1.51 3.73
N GLU B 197 -0.70 2.54 3.93
CA GLU B 197 0.05 3.19 2.87
C GLU B 197 0.88 2.26 2.00
N HIS B 198 1.34 1.15 2.57
CA HIS B 198 2.15 0.19 1.83
C HIS B 198 1.64 -1.24 1.83
N ASP B 199 0.37 -1.44 1.55
CA ASP B 199 -0.14 -2.80 1.55
C ASP B 199 0.02 -3.47 0.19
N HIS B 200 0.02 -2.68 -0.87
CA HIS B 200 0.16 -3.20 -2.22
C HIS B 200 1.49 -3.88 -2.56
N THR B 201 1.37 -5.06 -3.16
CA THR B 201 2.53 -5.85 -3.57
C THR B 201 2.21 -6.51 -4.91
N GLY B 202 3.22 -7.10 -5.53
CA GLY B 202 3.01 -7.73 -6.82
C GLY B 202 2.19 -9.01 -6.75
N PHE B 203 1.80 -9.53 -7.90
CA PHE B 203 1.00 -10.75 -8.03
C PHE B 203 1.78 -11.98 -7.58
N LEU B 204 1.13 -12.84 -6.80
CA LEU B 204 1.75 -14.06 -6.29
C LEU B 204 3.07 -13.82 -5.57
N THR B 205 3.05 -13.00 -4.52
CA THR B 205 4.25 -12.72 -3.76
C THR B 205 4.13 -13.37 -2.38
N GLU B 206 5.11 -14.18 -2.00
CA GLU B 206 5.08 -14.85 -0.71
C GLU B 206 5.01 -13.77 0.38
N VAL B 208 3.17 -14.80 3.94
CA VAL B 208 2.75 -14.57 5.32
C VAL B 208 2.54 -15.83 6.18
N ALA B 209 1.44 -15.83 6.91
CA ALA B 209 1.05 -16.90 7.81
C ALA B 209 1.09 -18.30 7.22
N THR B 210 0.54 -19.24 7.99
CA THR B 210 0.46 -20.66 7.66
C THR B 210 0.16 -20.99 6.21
N ARG B 211 -0.95 -20.48 5.69
CA ARG B 211 -1.34 -20.73 4.29
C ARG B 211 -2.82 -21.04 4.15
N TRP B 212 -3.35 -21.88 5.03
CA TRP B 212 -4.76 -22.22 4.94
C TRP B 212 -5.62 -21.05 5.39
N TYR B 213 -4.99 -20.10 6.08
CA TYR B 213 -5.69 -18.92 6.57
C TYR B 213 -5.30 -17.61 5.89
N ARG B 214 -4.73 -17.67 4.69
CA ARG B 214 -4.32 -16.45 4.00
C ARG B 214 -5.44 -15.92 3.11
N ALA B 215 -5.78 -14.65 3.29
CA ALA B 215 -6.83 -14.03 2.49
C ALA B 215 -6.43 -14.12 1.03
N PRO B 216 -7.43 -14.25 0.14
CA PRO B 216 -7.17 -14.36 -1.30
C PRO B 216 -6.26 -13.25 -1.79
N GLU B 217 -6.46 -12.03 -1.30
CA GLU B 217 -5.62 -10.91 -1.73
C GLU B 217 -4.15 -11.16 -1.45
N ILE B 218 -3.84 -11.98 -0.44
CA ILE B 218 -2.46 -12.27 -0.11
C ILE B 218 -1.75 -12.78 -1.38
N MET B 219 -2.45 -13.59 -2.16
CA MET B 219 -1.88 -14.13 -3.39
C MET B 219 -2.18 -13.22 -4.58
N LEU B 220 -2.73 -12.03 -4.33
CA LEU B 220 -3.06 -11.13 -5.44
C LEU B 220 -2.42 -9.73 -5.49
N ASN B 221 -2.42 -9.01 -4.38
CA ASN B 221 -1.85 -7.67 -4.38
C ASN B 221 -1.61 -7.13 -2.98
N SER B 222 -1.68 -7.97 -1.96
CA SER B 222 -1.47 -7.50 -0.59
C SER B 222 -0.31 -8.12 0.18
N LYS B 223 0.26 -7.31 1.08
CA LYS B 223 1.37 -7.75 1.91
C LYS B 223 0.81 -8.14 3.28
N GLY B 224 -0.49 -7.94 3.46
CA GLY B 224 -1.13 -8.27 4.72
C GLY B 224 -0.95 -7.20 5.78
N TYR B 225 -0.77 -5.95 5.35
CA TYR B 225 -0.59 -4.86 6.29
C TYR B 225 -1.86 -4.15 6.72
N THR B 226 -3.00 -4.85 6.73
CA THR B 226 -4.23 -4.20 7.13
C THR B 226 -5.13 -5.08 7.96
N LYS B 227 -5.82 -4.45 8.90
CA LYS B 227 -6.72 -5.17 9.79
C LYS B 227 -7.56 -6.18 9.05
N SER B 228 -7.85 -5.89 7.79
CA SER B 228 -8.65 -6.78 6.95
C SER B 228 -8.12 -8.21 6.98
N ILE B 229 -6.80 -8.35 6.92
CA ILE B 229 -6.16 -9.65 6.92
C ILE B 229 -6.51 -10.57 8.09
N ASP B 230 -6.74 -10.01 9.27
CA ASP B 230 -7.09 -10.84 10.43
C ASP B 230 -8.52 -11.34 10.42
N ILE B 231 -9.45 -10.55 9.88
CA ILE B 231 -10.85 -10.95 9.82
C ILE B 231 -11.00 -12.19 8.99
N TRP B 232 -10.28 -12.24 7.86
CA TRP B 232 -10.34 -13.41 6.99
C TRP B 232 -9.85 -14.67 7.66
N SER B 233 -8.76 -14.58 8.42
CA SER B 233 -8.21 -15.73 9.11
C SER B 233 -9.18 -16.11 10.22
N VAL B 234 -9.81 -15.12 10.81
CA VAL B 234 -10.76 -15.38 11.88
C VAL B 234 -11.99 -16.07 11.29
N GLY B 235 -12.28 -15.76 10.02
CA GLY B 235 -13.42 -16.37 9.34
C GLY B 235 -13.17 -17.85 9.13
N CYS B 236 -11.98 -18.19 8.66
CA CYS B 236 -11.62 -19.58 8.45
C CYS B 236 -11.69 -20.33 9.78
N ILE B 237 -11.23 -19.69 10.86
CA ILE B 237 -11.26 -20.32 12.17
C ILE B 237 -12.68 -20.66 12.59
N LEU B 238 -13.63 -19.77 12.28
CA LEU B 238 -15.02 -20.00 12.64
C LEU B 238 -15.48 -21.24 11.87
N ALA B 239 -15.22 -21.22 10.57
CA ALA B 239 -15.59 -22.33 9.71
C ALA B 239 -15.05 -23.65 10.29
N GLU B 240 -13.80 -23.62 10.73
CA GLU B 240 -13.18 -24.82 11.30
C GLU B 240 -13.86 -25.26 12.58
N MET B 241 -14.23 -24.30 13.43
CA MET B 241 -14.90 -24.64 14.69
C MET B 241 -16.24 -25.28 14.39
N LEU B 242 -16.83 -24.87 13.28
CA LEU B 242 -18.12 -25.38 12.85
C LEU B 242 -18.11 -26.76 12.24
N SER B 243 -16.94 -27.28 11.88
CA SER B 243 -16.90 -28.62 11.27
C SER B 243 -15.68 -29.49 11.53
N ASN B 244 -14.82 -29.06 12.46
CA ASN B 244 -13.62 -29.81 12.81
C ASN B 244 -12.70 -30.14 11.62
N ARG B 245 -12.63 -29.21 10.67
CA ARG B 245 -11.79 -29.39 9.49
C ARG B 245 -11.52 -28.02 8.85
N PRO B 246 -10.39 -27.88 8.17
CA PRO B 246 -10.09 -26.59 7.55
C PRO B 246 -10.84 -26.36 6.24
N ILE B 247 -11.28 -25.12 6.07
CA ILE B 247 -11.98 -24.76 4.85
C ILE B 247 -10.79 -24.15 4.12
N PHE B 248 -10.62 -24.46 2.84
CA PHE B 248 -9.48 -23.89 2.10
C PHE B 248 -8.15 -24.59 2.36
N PRO B 249 -8.13 -25.95 2.36
CA PRO B 249 -6.94 -26.76 2.60
C PRO B 249 -6.02 -26.76 1.37
N GLY B 250 -5.48 -25.61 1.01
CA GLY B 250 -4.61 -25.53 -0.15
C GLY B 250 -3.34 -26.36 0.00
N LYS B 251 -3.07 -27.21 -1.00
CA LYS B 251 -1.89 -28.06 -0.98
C LYS B 251 -0.61 -27.24 -1.17
N HIS B 252 -0.78 -26.04 -1.70
CA HIS B 252 0.35 -25.15 -1.93
C HIS B 252 -0.14 -23.73 -2.19
N TYR B 253 0.81 -22.81 -2.31
CA TYR B 253 0.51 -21.40 -2.56
C TYR B 253 -0.56 -21.23 -3.61
N LEU B 254 -0.39 -21.40 -4.98
CA LEU B 254 -1.49 -21.08 -5.86
C LEU B 254 -2.76 -21.84 -5.44
N ASP B 255 -2.66 -23.27 -5.25
CA ASP B 255 -3.77 -24.11 -4.79
C ASP B 255 -4.63 -23.40 -3.74
N GLN B 256 -3.97 -22.77 -2.78
CA GLN B 256 -4.70 -22.07 -1.73
C GLN B 256 -5.72 -21.14 -2.37
N LEU B 257 -5.27 -20.32 -3.31
CA LEU B 257 -6.17 -19.41 -3.99
C LEU B 257 -7.31 -20.13 -4.68
N ASN B 258 -7.00 -21.25 -5.33
CA ASN B 258 -8.04 -22.00 -6.03
C ASN B 258 -9.03 -22.68 -5.08
N HIS B 259 -8.61 -23.05 -3.88
CA HIS B 259 -9.54 -23.68 -2.95
C HIS B 259 -10.56 -22.59 -2.59
N ILE B 260 -10.04 -21.43 -2.24
CA ILE B 260 -10.87 -20.28 -1.87
C ILE B 260 -11.86 -19.91 -2.96
N LEU B 261 -11.43 -19.96 -4.22
CA LEU B 261 -12.32 -19.61 -5.33
C LEU B 261 -13.39 -20.69 -5.56
N GLY B 262 -12.99 -21.95 -5.47
CA GLY B 262 -13.92 -23.05 -5.65
C GLY B 262 -15.13 -22.93 -4.75
N ILE B 263 -14.93 -22.36 -3.57
CA ILE B 263 -16.01 -22.19 -2.60
C ILE B 263 -16.70 -20.83 -2.74
N LEU B 264 -15.91 -19.78 -2.88
CA LEU B 264 -16.47 -18.43 -3.00
C LEU B 264 -16.93 -18.13 -4.41
N GLY B 265 -16.56 -18.98 -5.36
CA GLY B 265 -16.96 -18.78 -6.74
C GLY B 265 -16.07 -17.74 -7.41
N SER B 266 -16.33 -17.46 -8.68
CA SER B 266 -15.55 -16.47 -9.41
C SER B 266 -15.89 -15.08 -8.91
N PRO B 267 -14.87 -14.21 -8.75
CA PRO B 267 -15.18 -12.86 -8.29
C PRO B 267 -15.93 -12.06 -9.35
N SER B 268 -16.91 -11.29 -8.92
CA SER B 268 -17.71 -10.47 -9.82
C SER B 268 -16.84 -9.38 -10.45
N GLN B 269 -17.38 -8.67 -11.44
CA GLN B 269 -16.64 -7.60 -12.10
C GLN B 269 -16.36 -6.48 -11.11
N GLU B 270 -17.26 -6.31 -10.15
CA GLU B 270 -17.11 -5.27 -9.14
C GLU B 270 -15.78 -5.45 -8.43
N ASP B 271 -15.47 -6.69 -8.07
CA ASP B 271 -14.24 -6.99 -7.38
C ASP B 271 -13.01 -7.10 -8.27
N LEU B 272 -13.22 -7.22 -9.57
CA LEU B 272 -12.10 -7.33 -10.50
C LEU B 272 -11.60 -5.91 -10.75
N ASN B 273 -12.54 -4.96 -10.78
CA ASN B 273 -12.24 -3.56 -11.01
C ASN B 273 -11.44 -3.06 -9.81
N CYS B 274 -11.42 -3.89 -8.76
CA CYS B 274 -10.71 -3.59 -7.53
C CYS B 274 -9.22 -3.94 -7.63
N ILE B 275 -8.86 -4.78 -8.58
CA ILE B 275 -7.47 -5.17 -8.75
C ILE B 275 -6.91 -4.76 -10.11
N ILE B 276 -5.99 -3.79 -10.10
CA ILE B 276 -5.41 -3.33 -11.36
C ILE B 276 -4.10 -4.04 -11.72
N ASN B 277 -3.56 -4.81 -10.79
CA ASN B 277 -2.32 -5.54 -11.05
C ASN B 277 -2.66 -6.39 -12.28
N MET B 278 -1.99 -6.11 -13.40
CA MET B 278 -2.23 -6.85 -14.64
C MET B 278 -2.31 -8.37 -14.58
N LYS B 279 -1.26 -9.01 -14.08
CA LYS B 279 -1.25 -10.48 -13.99
C LYS B 279 -2.43 -11.00 -13.18
N ALA B 280 -2.47 -10.66 -11.90
CA ALA B 280 -3.54 -11.11 -11.03
C ALA B 280 -4.86 -11.06 -11.79
N ARG B 281 -5.27 -9.86 -12.18
CA ARG B 281 -6.51 -9.69 -12.92
C ARG B 281 -6.59 -10.69 -14.06
N ASN B 282 -5.61 -10.63 -14.96
CA ASN B 282 -5.58 -11.54 -16.10
C ASN B 282 -5.74 -12.99 -15.67
N TYR B 283 -5.12 -13.36 -14.55
CA TYR B 283 -5.21 -14.73 -14.05
C TYR B 283 -6.63 -15.02 -13.59
N LEU B 284 -7.15 -14.17 -12.72
CA LEU B 284 -8.50 -14.34 -12.21
C LEU B 284 -9.50 -14.51 -13.35
N GLN B 285 -9.37 -13.69 -14.39
CA GLN B 285 -10.29 -13.78 -15.53
C GLN B 285 -10.10 -14.92 -16.54
N SER B 286 -9.03 -15.70 -16.38
CA SER B 286 -8.80 -16.80 -17.31
C SER B 286 -9.44 -18.06 -16.74
N LEU B 287 -9.81 -17.99 -15.47
CA LEU B 287 -10.42 -19.10 -14.76
C LEU B 287 -11.87 -19.36 -15.15
N PRO B 288 -12.25 -20.64 -15.28
CA PRO B 288 -13.63 -20.94 -15.65
C PRO B 288 -14.54 -20.39 -14.54
N SER B 289 -15.59 -19.69 -14.95
CA SER B 289 -16.56 -19.08 -14.04
C SER B 289 -17.24 -20.08 -13.10
N LYS B 290 -17.29 -19.75 -11.82
CA LYS B 290 -17.92 -20.64 -10.83
C LYS B 290 -18.94 -19.88 -9.99
N THR B 291 -19.99 -20.60 -9.58
CA THR B 291 -21.03 -20.00 -8.76
C THR B 291 -20.66 -20.21 -7.30
N LYS B 292 -21.17 -19.35 -6.43
CA LYS B 292 -20.87 -19.47 -5.01
C LYS B 292 -21.71 -20.59 -4.41
N VAL B 293 -21.10 -21.37 -3.53
CA VAL B 293 -21.79 -22.47 -2.88
C VAL B 293 -22.51 -21.97 -1.62
N ALA B 294 -23.74 -22.46 -1.43
CA ALA B 294 -24.55 -22.08 -0.30
C ALA B 294 -23.98 -22.60 1.02
N TRP B 295 -23.80 -21.70 1.97
CA TRP B 295 -23.26 -22.05 3.28
C TRP B 295 -24.00 -23.18 3.95
N ALA B 296 -25.33 -23.07 3.99
CA ALA B 296 -26.15 -24.10 4.61
C ALA B 296 -25.82 -25.49 4.08
N LYS B 297 -25.54 -25.58 2.78
CA LYS B 297 -25.22 -26.85 2.19
C LYS B 297 -23.82 -27.28 2.63
N LEU B 298 -22.92 -26.31 2.78
CA LEU B 298 -21.55 -26.62 3.20
C LEU B 298 -21.53 -26.83 4.71
N PHE B 299 -22.41 -26.11 5.41
CA PHE B 299 -22.50 -26.21 6.86
C PHE B 299 -23.91 -26.54 7.34
N PRO B 300 -24.29 -27.82 7.25
CA PRO B 300 -25.59 -28.34 7.67
C PRO B 300 -25.79 -28.35 9.18
N LYS B 301 -26.95 -27.88 9.62
CA LYS B 301 -27.27 -27.83 11.04
C LYS B 301 -26.64 -26.66 11.81
N SER B 302 -25.72 -25.95 11.17
CA SER B 302 -25.06 -24.83 11.84
C SER B 302 -26.03 -23.66 11.98
N ASP B 303 -25.86 -22.88 13.05
CA ASP B 303 -26.71 -21.71 13.30
C ASP B 303 -26.66 -20.81 12.07
N SER B 304 -27.82 -20.43 11.56
CA SER B 304 -27.87 -19.57 10.38
C SER B 304 -27.18 -18.24 10.60
N LYS B 305 -27.31 -17.68 11.81
CA LYS B 305 -26.67 -16.39 12.10
C LYS B 305 -25.16 -16.54 12.12
N ALA B 306 -24.68 -17.70 12.54
CA ALA B 306 -23.25 -17.94 12.59
C ALA B 306 -22.75 -17.99 11.15
N LEU B 307 -23.59 -18.52 10.27
CA LEU B 307 -23.23 -18.62 8.87
C LEU B 307 -23.28 -17.27 8.16
N ASP B 308 -24.14 -16.37 8.63
CA ASP B 308 -24.24 -15.06 7.99
C ASP B 308 -22.96 -14.29 8.34
N LEU B 309 -22.54 -14.39 9.59
CA LEU B 309 -21.33 -13.73 10.06
C LEU B 309 -20.18 -14.27 9.23
N LEU B 310 -20.18 -15.59 9.04
CA LEU B 310 -19.15 -16.30 8.28
C LEU B 310 -19.07 -15.69 6.88
N ASP B 311 -20.23 -15.48 6.27
CA ASP B 311 -20.34 -14.90 4.94
C ASP B 311 -19.62 -13.55 4.78
N ARG B 312 -19.87 -12.64 5.72
CA ARG B 312 -19.25 -11.31 5.70
C ARG B 312 -17.81 -11.30 6.16
N MET B 313 -17.41 -12.37 6.84
CA MET B 313 -16.06 -12.50 7.36
C MET B 313 -15.21 -13.01 6.18
N LEU B 314 -15.76 -13.98 5.47
CA LEU B 314 -15.11 -14.61 4.33
C LEU B 314 -15.49 -13.94 2.99
N THR B 315 -15.35 -12.63 2.95
CA THR B 315 -15.66 -11.86 1.75
C THR B 315 -14.38 -11.72 0.90
N PHE B 316 -14.49 -11.99 -0.40
CA PHE B 316 -13.35 -11.89 -1.30
C PHE B 316 -12.79 -10.47 -1.31
N ASN B 317 -13.68 -9.50 -1.31
CA ASN B 317 -13.28 -8.09 -1.31
C ASN B 317 -12.98 -7.60 0.11
N PRO B 318 -11.70 -7.36 0.39
CA PRO B 318 -11.17 -6.89 1.68
C PRO B 318 -11.70 -5.55 2.13
N ASN B 319 -12.20 -4.76 1.18
CA ASN B 319 -12.74 -3.46 1.54
C ASN B 319 -14.20 -3.57 1.94
N LYS B 320 -14.83 -4.68 1.55
CA LYS B 320 -16.23 -4.92 1.89
C LYS B 320 -16.28 -5.89 3.06
N ARG B 321 -15.13 -6.45 3.41
CA ARG B 321 -15.05 -7.41 4.52
C ARG B 321 -15.45 -6.73 5.81
N ILE B 322 -16.10 -7.48 6.70
CA ILE B 322 -16.54 -6.95 7.97
C ILE B 322 -15.34 -6.64 8.88
N THR B 323 -15.50 -5.60 9.69
CA THR B 323 -14.46 -5.16 10.62
C THR B 323 -14.72 -5.84 11.95
N VAL B 324 -13.75 -5.83 12.85
CA VAL B 324 -13.93 -6.48 14.15
C VAL B 324 -15.10 -5.89 14.94
N GLU B 325 -15.25 -4.57 14.93
CA GLU B 325 -16.35 -3.94 15.66
C GLU B 325 -17.71 -4.36 15.16
N GLU B 326 -17.88 -4.41 13.84
CA GLU B 326 -19.15 -4.81 13.25
C GLU B 326 -19.43 -6.28 13.57
N ALA B 327 -18.39 -7.12 13.53
CA ALA B 327 -18.55 -8.54 13.82
C ALA B 327 -19.07 -8.77 15.23
N LEU B 328 -18.51 -8.03 16.18
CA LEU B 328 -18.92 -8.13 17.57
C LEU B 328 -20.37 -7.69 17.72
N ALA B 329 -20.79 -6.76 16.86
CA ALA B 329 -22.16 -6.24 16.88
C ALA B 329 -23.12 -7.10 16.09
N HIS B 330 -22.61 -8.16 15.48
CA HIS B 330 -23.44 -9.06 14.68
C HIS B 330 -24.42 -9.85 15.57
N PRO B 331 -25.62 -10.15 15.05
CA PRO B 331 -26.66 -10.88 15.78
C PRO B 331 -26.18 -12.18 16.42
N TYR B 332 -25.25 -12.86 15.76
CA TYR B 332 -24.74 -14.11 16.30
C TYR B 332 -24.00 -13.95 17.63
N LEU B 333 -23.50 -12.75 17.88
CA LEU B 333 -22.76 -12.48 19.11
C LEU B 333 -23.52 -11.57 20.07
N GLU B 334 -24.82 -11.39 19.81
CA GLU B 334 -25.66 -10.54 20.64
C GLU B 334 -25.68 -10.86 22.14
N GLN B 335 -25.64 -12.12 22.52
CA GLN B 335 -25.67 -12.49 23.95
C GLN B 335 -24.39 -12.18 24.72
N TYR B 336 -23.36 -11.68 24.04
CA TYR B 336 -22.11 -11.36 24.71
C TYR B 336 -21.69 -9.90 24.48
N TYR B 337 -21.82 -9.45 23.24
CA TYR B 337 -21.47 -8.09 22.88
C TYR B 337 -21.80 -7.12 24.02
N ASP B 338 -20.83 -6.30 24.40
CA ASP B 338 -20.99 -5.31 25.46
C ASP B 338 -19.82 -4.35 25.38
N PRO B 339 -19.95 -3.31 24.54
CA PRO B 339 -18.90 -2.29 24.35
C PRO B 339 -18.43 -1.68 25.67
N THR B 340 -19.06 -2.09 26.77
CA THR B 340 -18.71 -1.60 28.09
C THR B 340 -17.68 -2.48 28.76
N ASP B 341 -17.64 -3.76 28.35
CA ASP B 341 -16.71 -4.72 28.90
C ASP B 341 -15.73 -5.26 27.86
N GLU B 342 -15.34 -4.39 26.93
CA GLU B 342 -14.40 -4.73 25.86
C GLU B 342 -13.35 -3.62 25.73
N PRO B 343 -12.29 -3.71 26.55
CA PRO B 343 -11.18 -2.74 26.58
C PRO B 343 -10.40 -2.52 25.29
N VAL B 344 -9.92 -1.29 25.13
CA VAL B 344 -9.16 -0.90 23.94
C VAL B 344 -7.75 -0.47 24.32
N ALA B 345 -6.86 -0.54 23.33
CA ALA B 345 -5.47 -0.16 23.54
C ALA B 345 -5.38 1.17 24.28
N GLU B 346 -5.64 2.25 23.56
CA GLU B 346 -5.61 3.61 24.10
C GLU B 346 -4.55 4.38 23.32
N GLU B 347 -3.35 3.81 23.26
CA GLU B 347 -2.26 4.44 22.54
C GLU B 347 -1.82 3.51 21.41
N PRO B 348 -1.87 4.01 20.17
CA PRO B 348 -1.47 3.27 18.97
C PRO B 348 0.03 3.05 19.03
N PHE B 349 0.52 2.05 18.31
CA PHE B 349 1.96 1.77 18.30
C PHE B 349 2.64 2.25 17.04
N THR B 350 3.94 2.52 17.17
CA THR B 350 4.75 2.97 16.06
C THR B 350 6.06 2.20 16.08
N PHE B 351 6.49 1.74 14.92
CA PHE B 351 7.73 0.98 14.79
C PHE B 351 8.64 1.77 13.86
N ALA B 352 9.81 2.17 14.37
CA ALA B 352 10.75 2.92 13.56
C ALA B 352 10.74 2.41 12.12
N MET B 353 10.25 3.23 11.20
CA MET B 353 10.22 2.82 9.80
C MET B 353 11.67 2.50 9.48
N GLU B 354 11.90 1.45 8.71
CA GLU B 354 13.26 1.07 8.34
C GLU B 354 13.87 0.09 9.34
N LEU B 355 13.05 -0.49 10.21
CA LEU B 355 13.57 -1.44 11.18
C LEU B 355 13.81 -2.74 10.40
N ASP B 356 13.21 -2.81 9.23
CA ASP B 356 13.34 -3.98 8.37
C ASP B 356 14.69 -3.99 7.65
N ASP B 357 15.43 -2.88 7.76
CA ASP B 357 16.72 -2.79 7.12
C ASP B 357 17.85 -2.85 8.13
N LEU B 358 17.51 -2.59 9.39
CA LEU B 358 18.50 -2.61 10.46
C LEU B 358 19.28 -3.92 10.46
N PRO B 359 20.60 -3.83 10.67
CA PRO B 359 21.41 -5.05 10.71
C PRO B 359 21.05 -5.80 11.97
N LYS B 360 20.98 -7.12 11.88
CA LYS B 360 20.64 -7.96 13.02
C LYS B 360 21.42 -7.54 14.27
N GLU B 361 22.58 -6.94 14.07
CA GLU B 361 23.41 -6.49 15.19
C GLU B 361 22.60 -5.53 16.05
N ARG B 362 21.99 -4.54 15.41
CA ARG B 362 21.18 -3.56 16.13
C ARG B 362 19.88 -4.14 16.65
N LEU B 363 19.38 -5.18 15.98
CA LEU B 363 18.13 -5.79 16.42
C LEU B 363 18.41 -6.44 17.76
N LYS B 364 19.55 -7.12 17.83
CA LYS B 364 19.95 -7.81 19.05
C LYS B 364 20.06 -6.83 20.22
N GLU B 365 20.76 -5.72 20.00
CA GLU B 365 20.93 -4.72 21.03
C GLU B 365 19.55 -4.26 21.51
N LEU B 366 18.61 -4.10 20.60
CA LEU B 366 17.27 -3.68 20.98
C LEU B 366 16.61 -4.74 21.84
N ILE B 367 16.78 -5.99 21.45
CA ILE B 367 16.20 -7.12 22.16
C ILE B 367 16.83 -7.23 23.56
N PHE B 368 18.14 -7.03 23.62
CA PHE B 368 18.86 -7.10 24.89
C PHE B 368 18.35 -6.00 25.81
N GLN B 369 17.90 -4.90 25.21
CA GLN B 369 17.38 -3.76 25.97
C GLN B 369 15.95 -3.96 26.43
N GLU B 370 15.08 -4.37 25.51
CA GLU B 370 13.68 -4.59 25.82
C GLU B 370 13.51 -5.54 27.01
N THR B 371 14.30 -6.61 27.01
CA THR B 371 14.24 -7.60 28.09
C THR B 371 15.08 -7.24 29.32
N ALA B 372 15.70 -6.07 29.29
CA ALA B 372 16.54 -5.60 30.39
C ALA B 372 15.87 -5.51 31.76
N ARG B 373 14.66 -4.98 31.84
CA ARG B 373 13.94 -4.83 33.11
C ARG B 373 13.59 -6.15 33.79
N PHE B 374 13.86 -7.27 33.12
CA PHE B 374 13.56 -8.58 33.69
C PHE B 374 14.80 -9.23 34.29
N GLN B 375 15.96 -8.67 33.97
CA GLN B 375 17.23 -9.18 34.48
C GLN B 375 17.33 -8.99 35.99
N PRO B 376 17.36 -10.10 36.75
CA PRO B 376 17.47 -10.01 38.20
C PRO B 376 18.82 -9.41 38.61
N GLY B 377 18.90 -8.86 39.82
CA GLY B 377 20.14 -8.27 40.25
C GLY B 377 20.58 -8.58 41.68
N VAL B 378 21.68 -9.30 41.81
CA VAL B 378 22.22 -9.67 43.11
C VAL B 378 23.70 -10.02 43.01
#